data_5FOG
#
_entry.id   5FOG
#
_cell.length_a   107.730
_cell.length_b   107.730
_cell.length_c   309.510
_cell.angle_alpha   90.00
_cell.angle_beta   90.00
_cell.angle_gamma   90.00
#
_symmetry.space_group_name_H-M   'P 41 21 2'
#
loop_
_entity.id
_entity.type
_entity.pdbx_description
1 polymer 'LEUCYL-TRNA SYNTHETASE'
2 non-polymer "2'-(L-NORVALYL)AMINO-2'-DEOXYADENOSINE"
3 non-polymer 1,2-ETHANEDIOL
4 non-polymer 'POTASSIUM ION'
5 water water
#
_entity_poly.entity_id   1
_entity_poly.type   'polypeptide(L)'
_entity_poly.pdbx_seq_one_letter_code
;GAMGGPQEYTLIKLKIHLIPEFLGSIVKGREVFVVCATLRPETMYGQTNCWILPDGEYDLVLAFDQVIPYDAKTSDGVLC
KIFDKYEDTMKECNTVYICSERSAYNMAYQGIVPLIHGREQGVSDKLLPRIVSLGKVYGEQLIGTPLSAPMTPYSLIFIL
PMFSISMEKGTGIVTSVPSDSPDDYAALRDIKTKPLLREKYSIKDEWILDPLEIIEVPGFGFMTAELLCNQYKIQSQNDS
AKLKQAKEEIYKKEFYEGILIRGKYSGMKICDAKELIRESLIKDGYALIYLE
;
_entity_poly.pdbx_strand_id   A,B,C,D
#
# COMPACT_ATOMS: atom_id res chain seq x y z
N GLY A 5 12.91 1.43 13.86
CA GLY A 5 13.70 2.17 14.90
C GLY A 5 12.93 3.33 15.53
N PRO A 6 13.48 3.91 16.61
CA PRO A 6 12.74 4.90 17.40
C PRO A 6 12.52 6.22 16.64
N GLN A 7 11.39 6.88 16.91
CA GLN A 7 11.17 8.24 16.42
C GLN A 7 11.55 9.26 17.50
N GLU A 8 12.30 10.29 17.10
CA GLU A 8 12.74 11.36 17.99
C GLU A 8 11.64 12.44 18.09
N TYR A 9 11.13 12.67 19.30
CA TYR A 9 10.16 13.74 19.54
C TYR A 9 10.80 14.83 20.37
N THR A 10 10.15 15.99 20.39
CA THR A 10 10.38 17.02 21.39
C THR A 10 9.26 16.88 22.43
N LEU A 11 9.64 16.65 23.68
CA LEU A 11 8.68 16.54 24.77
C LEU A 11 8.45 17.91 25.36
N ILE A 12 7.28 18.49 25.08
CA ILE A 12 6.94 19.83 25.51
C ILE A 12 6.41 19.78 26.94
N LYS A 13 6.99 20.59 27.83
CA LYS A 13 6.54 20.70 29.22
C LYS A 13 5.57 21.87 29.38
N LEU A 14 4.36 21.59 29.85
CA LEU A 14 3.35 22.61 30.11
C LEU A 14 3.02 22.60 31.60
N LYS A 15 3.44 23.65 32.30
CA LYS A 15 3.33 23.69 33.76
C LYS A 15 1.90 23.94 34.19
N ILE A 16 1.40 23.18 35.16
CA ILE A 16 0.06 23.39 35.68
C ILE A 16 0.05 24.68 36.51
N HIS A 17 -0.80 25.61 36.11
CA HIS A 17 -0.86 26.92 36.75
C HIS A 17 -1.66 26.88 38.05
N LEU A 18 -2.73 26.08 38.07
CA LEU A 18 -3.55 25.87 39.27
C LEU A 18 -3.82 24.37 39.42
N ILE A 19 -3.19 23.74 40.42
CA ILE A 19 -3.39 22.30 40.70
C ILE A 19 -4.85 22.08 41.08
N PRO A 20 -5.53 21.12 40.45
CA PRO A 20 -6.90 20.88 40.92
C PRO A 20 -6.92 20.42 42.39
N GLU A 21 -7.97 20.83 43.10
CA GLU A 21 -8.16 20.53 44.53
C GLU A 21 -7.93 19.04 44.84
N PHE A 22 -8.55 18.17 44.05
CA PHE A 22 -8.45 16.72 44.26
C PHE A 22 -7.03 16.11 44.09
N LEU A 23 -6.12 16.85 43.46
CA LEU A 23 -4.72 16.42 43.33
C LEU A 23 -3.76 17.03 44.36
N GLY A 24 -4.26 17.96 45.18
CA GLY A 24 -3.41 18.76 46.09
C GLY A 24 -2.54 17.99 47.06
N SER A 25 -3.15 17.06 47.79
CA SER A 25 -2.40 16.23 48.75
C SER A 25 -1.42 15.27 48.07
N ILE A 26 -1.77 14.80 46.86
CA ILE A 26 -0.93 13.88 46.12
C ILE A 26 0.33 14.56 45.58
N VAL A 27 0.23 15.78 45.07
CA VAL A 27 1.41 16.44 44.49
C VAL A 27 2.26 17.21 45.52
N LYS A 28 1.77 17.41 46.74
CA LYS A 28 2.56 17.95 47.87
C LYS A 28 3.41 19.17 47.51
N GLY A 29 2.81 20.16 46.85
CA GLY A 29 3.55 21.36 46.45
C GLY A 29 4.78 21.21 45.55
N ARG A 30 4.91 20.06 44.86
CA ARG A 30 5.89 19.90 43.77
C ARG A 30 5.35 20.55 42.52
N GLU A 31 6.23 20.98 41.62
CA GLU A 31 5.85 21.43 40.28
C GLU A 31 5.28 20.27 39.47
N VAL A 32 4.13 20.50 38.85
CA VAL A 32 3.48 19.51 37.98
C VAL A 32 3.47 20.03 36.55
N PHE A 33 3.91 19.19 35.63
CA PHE A 33 3.85 19.48 34.20
C PHE A 33 2.99 18.44 33.50
N VAL A 34 2.12 18.91 32.61
CA VAL A 34 1.55 18.08 31.55
C VAL A 34 2.61 18.07 30.45
N VAL A 35 2.87 16.88 29.90
CA VAL A 35 3.90 16.75 28.88
C VAL A 35 3.30 16.18 27.60
N CYS A 36 3.75 16.71 26.47
CA CYS A 36 3.20 16.42 25.15
C CYS A 36 4.33 16.20 24.14
N ALA A 37 4.25 15.10 23.39
CA ALA A 37 5.25 14.78 22.39
C ALA A 37 4.84 15.41 21.08
N THR A 38 5.77 16.13 20.45
CA THR A 38 5.52 16.76 19.16
C THR A 38 6.70 16.59 18.19
N LEU A 39 6.38 16.48 16.91
CA LEU A 39 7.37 16.48 15.85
C LEU A 39 7.63 17.89 15.32
N ARG A 40 6.82 18.86 15.75
CA ARG A 40 6.86 20.22 15.19
C ARG A 40 7.04 21.30 16.29
N PRO A 41 8.23 21.37 16.89
CA PRO A 41 8.49 22.40 17.90
C PRO A 41 8.41 23.83 17.40
N GLU A 42 8.71 24.05 16.13
CA GLU A 42 8.54 25.35 15.49
C GLU A 42 7.14 25.94 15.57
N THR A 43 6.12 25.09 15.71
CA THR A 43 4.73 25.54 15.81
C THR A 43 4.30 25.97 17.24
N MET A 44 5.17 25.87 18.24
CA MET A 44 4.75 26.16 19.62
C MET A 44 4.29 27.64 19.86
N TYR A 45 4.71 28.55 18.99
CA TYR A 45 4.18 29.92 19.00
C TYR A 45 2.67 30.00 18.80
N GLY A 46 2.08 28.97 18.18
CA GLY A 46 0.65 28.94 17.89
C GLY A 46 -0.23 28.15 18.85
N GLN A 47 0.27 27.75 20.01
CA GLN A 47 -0.55 26.97 20.92
C GLN A 47 -1.75 27.80 21.37
N THR A 48 -2.92 27.18 21.29
CA THR A 48 -4.19 27.75 21.72
C THR A 48 -4.76 27.06 22.93
N ASN A 49 -4.42 25.79 23.10
CA ASN A 49 -4.96 24.94 24.14
C ASN A 49 -4.09 23.67 24.20
N CYS A 50 -4.50 22.73 25.04
CA CYS A 50 -3.87 21.45 25.13
C CYS A 50 -5.00 20.43 25.00
N TRP A 51 -4.68 19.23 24.52
CA TRP A 51 -5.70 18.20 24.22
C TRP A 51 -5.47 16.96 25.07
N ILE A 52 -6.55 16.38 25.59
CA ILE A 52 -6.47 15.14 26.34
C ILE A 52 -7.66 14.22 25.98
N LEU A 53 -7.46 12.91 26.07
CA LEU A 53 -8.54 11.94 25.83
C LEU A 53 -9.32 11.75 27.13
N PRO A 54 -10.65 12.02 27.10
CA PRO A 54 -11.41 12.01 28.35
C PRO A 54 -11.40 10.69 29.09
N ASP A 55 -11.50 9.59 28.36
CA ASP A 55 -11.56 8.25 28.95
C ASP A 55 -10.17 7.64 29.15
N GLY A 56 -9.13 8.29 28.64
CA GLY A 56 -7.78 7.81 28.82
C GLY A 56 -7.36 7.90 30.28
N GLU A 57 -6.52 6.96 30.70
CA GLU A 57 -6.05 6.91 32.08
C GLU A 57 -4.58 7.34 32.10
N TYR A 58 -4.25 8.35 32.89
CA TYR A 58 -2.91 8.94 32.93
C TYR A 58 -2.34 8.76 34.30
N ASP A 59 -1.02 8.70 34.37
CA ASP A 59 -0.32 8.63 35.65
C ASP A 59 0.23 10.00 36.00
N LEU A 60 0.33 10.24 37.29
CA LEU A 60 1.14 11.33 37.82
C LEU A 60 2.46 10.70 38.21
N VAL A 61 3.49 10.97 37.42
CA VAL A 61 4.78 10.28 37.55
C VAL A 61 5.86 11.20 38.10
N LEU A 62 6.62 10.72 39.09
CA LEU A 62 7.74 11.48 39.65
C LEU A 62 8.88 11.52 38.65
N ALA A 63 9.48 12.70 38.46
CA ALA A 63 10.46 12.95 37.40
C ALA A 63 11.70 13.63 37.97
N PHE A 64 12.81 13.55 37.22
CA PHE A 64 14.04 14.21 37.60
C PHE A 64 13.91 15.71 37.42
N ASP A 65 14.48 16.46 38.37
CA ASP A 65 14.56 17.92 38.26
C ASP A 65 15.52 18.27 37.14
N GLN A 66 16.59 17.49 36.97
CA GLN A 66 17.60 17.69 35.92
C GLN A 66 17.80 16.39 35.14
N VAL A 67 17.87 16.49 33.82
CA VAL A 67 18.15 15.36 32.94
C VAL A 67 19.49 15.64 32.27
N ILE A 68 20.31 14.60 32.10
CA ILE A 68 21.63 14.73 31.46
C ILE A 68 21.41 14.91 29.94
N PRO A 69 21.65 16.14 29.39
CA PRO A 69 21.35 16.34 27.96
C PRO A 69 22.44 15.72 27.09
N TYR A 70 22.08 15.25 25.89
CA TYR A 70 23.02 14.57 25.00
C TYR A 70 22.76 14.82 23.51
N ASP A 71 23.86 14.83 22.73
CA ASP A 71 23.79 14.80 21.26
C ASP A 71 23.27 13.44 20.83
N ALA A 72 21.95 13.34 20.66
CA ALA A 72 21.30 12.09 20.19
C ALA A 72 21.72 11.70 18.77
N LYS A 73 22.10 12.70 17.96
CA LYS A 73 22.57 12.48 16.59
C LYS A 73 24.01 11.96 16.46
N THR A 74 24.83 12.11 17.50
CA THR A 74 26.20 11.55 17.52
C THR A 74 26.50 10.89 18.87
N SER A 75 25.73 9.85 19.17
CA SER A 75 25.94 9.01 20.35
C SER A 75 25.34 7.64 20.08
N ASP A 76 25.88 6.65 20.77
CA ASP A 76 25.51 5.24 20.52
C ASP A 76 24.52 4.66 21.55
N GLY A 77 24.14 5.45 22.56
CA GLY A 77 23.13 5.01 23.52
C GLY A 77 22.53 6.10 24.39
N VAL A 78 21.91 5.67 25.49
CA VAL A 78 21.23 6.54 26.43
C VAL A 78 21.32 5.97 27.86
N LEU A 79 21.23 6.84 28.87
CA LEU A 79 21.39 6.45 30.28
C LEU A 79 20.08 6.46 31.05
N CYS A 80 19.88 5.47 31.92
CA CYS A 80 18.79 5.47 32.88
C CYS A 80 19.38 5.38 34.28
N LYS A 81 18.55 5.44 35.32
CA LYS A 81 19.03 5.61 36.70
C LYS A 81 18.04 5.00 37.67
N ILE A 82 18.52 4.05 38.47
CA ILE A 82 17.69 3.16 39.28
C ILE A 82 18.08 3.30 40.73
N PHE A 83 17.06 3.40 41.57
CA PHE A 83 17.18 3.60 43.00
C PHE A 83 16.64 2.39 43.72
N ASP A 84 16.98 2.27 44.99
CA ASP A 84 16.52 1.14 45.80
C ASP A 84 15.05 1.33 46.16
N LYS A 85 14.73 2.51 46.67
CA LYS A 85 13.37 2.85 47.14
C LYS A 85 12.97 4.29 46.79
N TYR A 86 11.67 4.56 46.84
CA TYR A 86 11.09 5.89 46.58
C TYR A 86 11.80 7.03 47.33
N GLU A 87 12.10 6.81 48.62
CA GLU A 87 12.68 7.85 49.47
C GLU A 87 14.05 8.32 48.98
N ASP A 88 14.78 7.44 48.29
CA ASP A 88 16.10 7.78 47.74
C ASP A 88 16.02 8.77 46.57
N THR A 89 14.87 8.81 45.89
CA THR A 89 14.70 9.68 44.71
C THR A 89 14.48 11.16 45.08
N MET A 90 13.99 11.42 46.30
CA MET A 90 13.47 12.74 46.69
C MET A 90 14.44 13.90 46.64
N LYS A 91 15.74 13.65 46.75
CA LYS A 91 16.73 14.73 46.57
C LYS A 91 16.77 15.25 45.12
N GLU A 92 16.72 14.33 44.15
CA GLU A 92 16.80 14.68 42.71
C GLU A 92 15.44 14.81 41.99
N CYS A 93 14.35 14.43 42.66
CA CYS A 93 13.03 14.35 42.06
C CYS A 93 11.94 15.09 42.86
N ASN A 94 11.70 16.33 42.45
CA ASN A 94 10.65 17.18 43.03
C ASN A 94 9.71 17.73 41.94
N THR A 95 9.66 17.01 40.81
CA THR A 95 8.91 17.38 39.64
C THR A 95 7.95 16.23 39.33
N VAL A 96 6.73 16.55 38.89
CA VAL A 96 5.73 15.55 38.49
C VAL A 96 5.33 15.78 37.04
N TYR A 97 5.29 14.70 36.24
CA TYR A 97 4.76 14.75 34.89
C TYR A 97 3.46 13.98 34.84
N ILE A 98 2.43 14.59 34.23
CA ILE A 98 1.21 13.86 33.87
C ILE A 98 1.38 13.31 32.44
N CYS A 99 1.19 12.01 32.30
CA CYS A 99 1.45 11.30 31.04
C CYS A 99 0.93 9.86 31.14
N SER A 100 0.78 9.19 30.02
CA SER A 100 0.40 7.78 30.02
C SER A 100 1.51 6.94 30.68
N GLU A 101 1.10 5.89 31.38
CA GLU A 101 2.02 4.86 31.93
C GLU A 101 3.01 4.38 30.88
N ARG A 102 2.49 4.05 29.71
CA ARG A 102 3.30 3.62 28.59
C ARG A 102 4.47 4.57 28.37
N SER A 103 4.18 5.87 28.22
CA SER A 103 5.22 6.86 27.95
C SER A 103 6.15 7.08 29.16
N ALA A 104 5.61 6.96 30.36
CA ALA A 104 6.41 7.10 31.58
C ALA A 104 7.52 6.05 31.68
N TYR A 105 7.21 4.81 31.29
CA TYR A 105 8.23 3.75 31.20
C TYR A 105 9.27 4.05 30.12
N ASN A 106 8.83 4.56 28.96
CA ASN A 106 9.77 4.97 27.89
C ASN A 106 10.70 6.06 28.41
N MET A 107 10.15 6.99 29.20
CA MET A 107 10.94 8.05 29.81
C MET A 107 11.94 7.53 30.86
N ALA A 108 11.52 6.53 31.63
CA ALA A 108 12.40 5.92 32.63
C ALA A 108 13.61 5.27 31.95
N TYR A 109 13.39 4.65 30.80
CA TYR A 109 14.46 3.98 30.05
C TYR A 109 15.26 4.93 29.14
N GLN A 110 15.19 6.23 29.42
CA GLN A 110 16.12 7.20 28.84
C GLN A 110 16.42 8.37 29.78
N GLY A 111 16.36 8.12 31.09
CA GLY A 111 16.86 9.07 32.08
C GLY A 111 16.04 10.31 32.37
N ILE A 112 14.75 10.28 32.02
CA ILE A 112 13.83 11.42 32.23
C ILE A 112 13.12 11.31 33.58
N VAL A 113 12.66 10.11 33.93
CA VAL A 113 12.11 9.83 35.26
C VAL A 113 12.90 8.68 35.88
N PRO A 114 12.89 8.57 37.22
CA PRO A 114 13.62 7.48 37.86
C PRO A 114 12.91 6.14 37.78
N LEU A 115 13.72 5.08 37.84
CA LEU A 115 13.23 3.74 38.13
C LEU A 115 13.54 3.41 39.59
N ILE A 116 12.78 2.48 40.16
CA ILE A 116 13.10 1.90 41.48
C ILE A 116 13.05 0.36 41.39
N HIS A 117 13.74 -0.32 42.32
CA HIS A 117 13.74 -1.81 42.41
C HIS A 117 12.45 -2.35 43.07
N GLY A 118 11.32 -2.16 42.39
CA GLY A 118 10.00 -2.52 42.91
C GLY A 118 9.55 -3.89 42.42
N LEU A 128 11.40 -6.90 38.45
CA LEU A 128 11.30 -5.97 37.32
C LEU A 128 11.17 -4.52 37.84
N PRO A 129 11.95 -3.56 37.28
CA PRO A 129 11.95 -2.21 37.85
C PRO A 129 10.73 -1.37 37.47
N ARG A 130 10.37 -0.47 38.38
CA ARG A 130 9.09 0.24 38.35
C ARG A 130 9.33 1.76 38.31
N ILE A 131 8.41 2.48 37.68
CA ILE A 131 8.35 3.94 37.83
C ILE A 131 7.74 4.30 39.18
N VAL A 132 7.94 5.54 39.61
CA VAL A 132 7.30 6.08 40.80
C VAL A 132 6.04 6.81 40.37
N SER A 133 4.91 6.13 40.45
CA SER A 133 3.60 6.71 40.15
C SER A 133 2.94 7.23 41.42
N LEU A 134 2.65 8.53 41.48
CA LEU A 134 1.97 9.12 42.63
C LEU A 134 0.46 8.90 42.60
N GLY A 135 -0.06 8.44 41.45
CA GLY A 135 -1.48 8.17 41.30
C GLY A 135 -1.88 8.15 39.82
N LYS A 136 -3.13 7.74 39.58
CA LYS A 136 -3.76 7.74 38.26
C LYS A 136 -4.93 8.74 38.19
N VAL A 137 -5.21 9.23 36.98
CA VAL A 137 -6.30 10.18 36.76
C VAL A 137 -6.90 9.96 35.36
N TYR A 138 -8.21 10.13 35.22
CA TYR A 138 -8.82 10.19 33.89
C TYR A 138 -8.61 11.59 33.28
N GLY A 139 -8.38 11.64 31.97
CA GLY A 139 -8.23 12.90 31.24
C GLY A 139 -9.38 13.87 31.43
N GLU A 140 -10.59 13.34 31.51
CA GLU A 140 -11.80 14.12 31.81
C GLU A 140 -11.64 15.00 33.05
N GLN A 141 -10.95 14.48 34.07
CA GLN A 141 -10.79 15.18 35.34
C GLN A 141 -9.80 16.34 35.27
N LEU A 142 -9.03 16.41 34.19
CA LEU A 142 -8.09 17.49 33.95
C LEU A 142 -8.60 18.55 32.96
N ILE A 143 -9.77 18.33 32.36
CA ILE A 143 -10.36 19.29 31.44
C ILE A 143 -10.59 20.63 32.15
N GLY A 144 -10.18 21.72 31.53
CA GLY A 144 -10.28 23.05 32.12
C GLY A 144 -9.13 23.47 33.01
N THR A 145 -8.10 22.63 33.11
CA THR A 145 -6.92 22.93 33.90
C THR A 145 -6.10 23.99 33.17
N PRO A 146 -5.75 25.10 33.85
CA PRO A 146 -4.94 26.10 33.17
C PRO A 146 -3.46 25.71 33.21
N LEU A 147 -2.76 25.99 32.11
CA LEU A 147 -1.38 25.61 31.94
C LEU A 147 -0.57 26.80 31.45
N SER A 148 0.61 26.99 32.03
CA SER A 148 1.57 27.95 31.53
C SER A 148 2.39 27.32 30.43
N ALA A 149 2.29 27.86 29.21
CA ALA A 149 2.88 27.23 28.03
C ALA A 149 4.02 28.06 27.43
N PRO A 150 5.08 27.41 26.93
CA PRO A 150 6.18 28.12 26.29
C PRO A 150 5.86 28.71 24.91
N MET A 151 6.49 29.83 24.60
CA MET A 151 6.47 30.46 23.27
C MET A 151 5.16 31.10 22.82
N THR A 152 4.02 30.46 23.03
CA THR A 152 2.74 31.05 22.63
C THR A 152 2.47 32.40 23.36
N PRO A 153 2.13 33.45 22.60
CA PRO A 153 1.89 34.71 23.30
C PRO A 153 0.63 34.69 24.18
N TYR A 154 -0.23 33.69 24.00
CA TYR A 154 -1.33 33.48 24.93
C TYR A 154 -0.88 33.11 26.34
N SER A 155 0.33 32.57 26.49
CA SER A 155 0.96 32.27 27.77
C SER A 155 0.25 31.26 28.67
N LEU A 156 -1.02 31.53 28.97
CA LEU A 156 -1.87 30.67 29.77
C LEU A 156 -2.96 30.04 28.88
N ILE A 157 -2.98 28.70 28.80
CA ILE A 157 -3.93 27.98 27.96
C ILE A 157 -4.61 26.86 28.75
N PHE A 158 -5.63 26.24 28.17
CA PHE A 158 -6.44 25.27 28.92
C PHE A 158 -6.44 23.89 28.28
N ILE A 159 -6.67 22.88 29.11
CA ILE A 159 -6.83 21.51 28.65
C ILE A 159 -8.28 21.30 28.15
N LEU A 160 -8.39 20.87 26.89
CA LEU A 160 -9.67 20.53 26.28
C LEU A 160 -9.72 19.05 25.80
N PRO A 161 -10.93 18.50 25.64
CA PRO A 161 -11.05 17.12 25.19
C PRO A 161 -10.86 16.98 23.69
N MET A 162 -10.05 16.00 23.30
CA MET A 162 -9.91 15.53 21.92
C MET A 162 -10.16 14.01 21.89
N PHE A 163 -11.05 13.57 21.00
CA PHE A 163 -11.54 12.19 20.97
C PHE A 163 -10.77 11.30 19.99
N SER A 164 -9.97 11.90 19.11
CA SER A 164 -9.16 11.17 18.16
C SER A 164 -7.81 10.70 18.73
N ILE A 165 -7.49 11.03 19.98
CA ILE A 165 -6.18 10.67 20.57
C ILE A 165 -6.02 9.17 20.75
N SER A 166 -4.79 8.71 20.52
CA SER A 166 -4.39 7.34 20.78
C SER A 166 -3.53 7.27 22.04
N MET A 167 -3.93 6.43 23.00
CA MET A 167 -3.12 6.16 24.19
C MET A 167 -1.87 5.33 23.90
N GLU A 168 -1.76 4.75 22.69
CA GLU A 168 -0.57 3.99 22.29
C GLU A 168 0.54 4.83 21.66
N LYS A 169 0.34 6.14 21.51
CA LYS A 169 1.34 7.01 20.90
C LYS A 169 1.62 8.19 21.80
N GLY A 170 2.87 8.68 21.75
CA GLY A 170 3.34 9.76 22.62
C GLY A 170 2.95 9.57 24.07
N THR A 171 2.56 10.67 24.72
CA THR A 171 2.16 10.67 26.13
C THR A 171 0.66 10.50 26.33
N GLY A 172 -0.08 10.52 25.24
CA GLY A 172 -1.53 10.55 25.31
C GLY A 172 -2.10 11.95 25.52
N ILE A 173 -1.23 12.97 25.55
CA ILE A 173 -1.64 14.36 25.74
C ILE A 173 -0.91 15.17 24.67
N VAL A 174 -1.63 16.04 23.96
CA VAL A 174 -1.03 16.72 22.80
C VAL A 174 -1.30 18.23 22.79
N THR A 175 -0.35 18.96 22.22
CA THR A 175 -0.47 20.38 22.03
C THR A 175 -1.51 20.65 20.96
N SER A 176 -2.06 21.87 20.94
CA SER A 176 -3.02 22.29 19.93
C SER A 176 -2.48 23.52 19.21
N VAL A 177 -2.19 23.39 17.91
CA VAL A 177 -1.86 24.52 17.04
C VAL A 177 -2.83 24.51 15.85
N PRO A 178 -4.07 24.99 16.04
CA PRO A 178 -5.10 24.82 15.01
C PRO A 178 -4.93 25.64 13.72
N SER A 179 -3.99 26.58 13.71
CA SER A 179 -3.63 27.28 12.51
C SER A 179 -2.89 26.37 11.54
N ASP A 180 -2.06 25.45 12.06
CA ASP A 180 -1.17 24.63 11.22
C ASP A 180 -1.20 23.11 11.50
N SER A 181 -2.24 22.63 12.17
CA SER A 181 -2.54 21.21 12.29
C SER A 181 -4.02 21.02 11.99
N PRO A 182 -4.33 20.25 10.93
CA PRO A 182 -5.73 19.94 10.60
C PRO A 182 -6.49 19.19 11.70
N ASP A 183 -5.83 18.24 12.37
CA ASP A 183 -6.45 17.57 13.50
C ASP A 183 -6.88 18.60 14.55
N ASP A 184 -5.97 19.53 14.87
CA ASP A 184 -6.23 20.53 15.89
C ASP A 184 -7.33 21.48 15.46
N TYR A 185 -7.27 21.93 14.21
CA TYR A 185 -8.33 22.77 13.65
C TYR A 185 -9.68 22.08 13.80
N ALA A 186 -9.74 20.83 13.34
CA ALA A 186 -10.98 20.07 13.37
C ALA A 186 -11.52 19.91 14.78
N ALA A 187 -10.65 19.55 15.70
CA ALA A 187 -11.04 19.32 17.09
C ALA A 187 -11.56 20.60 17.76
N LEU A 188 -10.92 21.72 17.46
CA LEU A 188 -11.32 23.00 18.02
C LEU A 188 -12.66 23.44 17.43
N ARG A 189 -12.77 23.32 16.11
CA ARG A 189 -14.03 23.64 15.44
C ARG A 189 -15.19 22.80 15.95
N ASP A 190 -14.96 21.51 16.22
CA ASP A 190 -16.00 20.67 16.84
C ASP A 190 -16.43 21.25 18.17
N ILE A 191 -15.46 21.68 18.99
CA ILE A 191 -15.78 22.31 20.29
C ILE A 191 -16.56 23.61 20.11
N LYS A 192 -16.17 24.44 19.16
CA LYS A 192 -16.83 25.74 18.93
C LYS A 192 -18.23 25.65 18.34
N THR A 193 -18.51 24.62 17.53
CA THR A 193 -19.76 24.49 16.80
C THR A 193 -20.79 23.49 17.38
N LYS A 194 -20.41 22.71 18.40
CA LYS A 194 -21.30 21.66 18.96
C LYS A 194 -21.64 21.91 20.44
N PRO A 195 -22.69 22.70 20.71
CA PRO A 195 -23.07 23.04 22.09
C PRO A 195 -23.16 21.84 23.04
N LEU A 196 -23.72 20.74 22.55
CA LEU A 196 -23.96 19.55 23.36
C LEU A 196 -22.65 18.91 23.84
N LEU A 197 -21.63 18.97 22.99
CA LEU A 197 -20.30 18.53 23.37
C LEU A 197 -19.75 19.38 24.54
N ARG A 198 -19.87 20.70 24.40
CA ARG A 198 -19.45 21.61 25.46
C ARG A 198 -20.24 21.38 26.76
N GLU A 199 -21.55 21.21 26.62
CA GLU A 199 -22.44 20.89 27.75
C GLU A 199 -21.98 19.61 28.45
N LYS A 200 -21.73 18.58 27.65
CA LYS A 200 -21.32 17.28 28.16
C LYS A 200 -20.08 17.33 29.07
N TYR A 201 -19.04 18.05 28.62
CA TYR A 201 -17.78 18.15 29.37
C TYR A 201 -17.63 19.46 30.17
N SER A 202 -18.71 20.22 30.32
CA SER A 202 -18.70 21.50 31.04
C SER A 202 -17.59 22.44 30.55
N ILE A 203 -17.47 22.58 29.24
CA ILE A 203 -16.46 23.42 28.64
C ILE A 203 -16.95 24.88 28.69
N LYS A 204 -16.19 25.70 29.41
CA LYS A 204 -16.46 27.14 29.51
C LYS A 204 -15.94 27.86 28.27
N ASP A 205 -16.71 28.85 27.83
CA ASP A 205 -16.36 29.68 26.66
C ASP A 205 -14.98 30.32 26.73
N GLU A 206 -14.61 30.77 27.92
CA GLU A 206 -13.32 31.44 28.13
C GLU A 206 -12.09 30.52 27.93
N TRP A 207 -12.28 29.19 28.00
CA TRP A 207 -11.19 28.23 27.72
C TRP A 207 -10.79 28.09 26.24
N ILE A 208 -11.61 28.59 25.33
CA ILE A 208 -11.41 28.42 23.90
C ILE A 208 -10.77 29.65 23.32
N LEU A 209 -9.56 29.52 22.79
CA LEU A 209 -8.80 30.62 22.20
C LEU A 209 -8.70 30.45 20.68
N ASP A 210 -8.77 31.57 19.95
CA ASP A 210 -8.71 31.53 18.50
C ASP A 210 -7.31 31.21 17.98
N PRO A 211 -7.23 30.57 16.79
CA PRO A 211 -5.93 30.30 16.15
C PRO A 211 -5.10 31.55 16.03
N LEU A 212 -3.79 31.38 16.01
CA LEU A 212 -2.85 32.47 15.87
C LEU A 212 -2.13 32.34 14.55
N GLU A 213 -1.85 33.47 13.92
CA GLU A 213 -1.11 33.49 12.67
C GLU A 213 0.36 33.41 13.01
N ILE A 214 0.95 32.24 12.78
CA ILE A 214 2.38 32.02 13.05
C ILE A 214 3.23 31.68 11.83
N ILE A 215 2.65 31.06 10.81
CA ILE A 215 3.42 30.57 9.66
C ILE A 215 2.79 31.05 8.37
N GLU A 216 3.60 31.66 7.51
CA GLU A 216 3.15 32.06 6.18
C GLU A 216 3.51 30.95 5.19
N VAL A 217 2.50 30.49 4.45
CA VAL A 217 2.69 29.55 3.35
C VAL A 217 2.32 30.32 2.07
N PRO A 218 3.32 30.68 1.23
CA PRO A 218 2.97 31.39 -0.02
C PRO A 218 2.03 30.53 -0.86
N GLY A 219 0.88 31.09 -1.21
CA GLY A 219 -0.23 30.35 -1.83
C GLY A 219 -1.45 30.24 -0.91
N PHE A 220 -1.20 29.88 0.35
CA PHE A 220 -2.26 29.58 1.34
C PHE A 220 -2.47 30.65 2.43
N GLY A 221 -1.52 31.55 2.63
CA GLY A 221 -1.63 32.58 3.67
C GLY A 221 -1.24 32.07 5.05
N PHE A 222 -2.01 32.46 6.08
CA PHE A 222 -1.66 32.19 7.48
C PHE A 222 -2.53 31.15 8.20
N MET A 223 -3.61 30.68 7.58
CA MET A 223 -4.43 29.58 8.12
C MET A 223 -4.43 28.37 7.19
N THR A 224 -3.24 27.79 6.99
CA THR A 224 -3.10 26.60 6.12
C THR A 224 -3.99 25.40 6.55
N ALA A 225 -4.09 25.15 7.85
CA ALA A 225 -4.89 24.03 8.33
C ALA A 225 -6.37 24.21 8.02
N GLU A 226 -6.87 25.45 8.11
CA GLU A 226 -8.27 25.74 7.75
C GLU A 226 -8.51 25.45 6.27
N LEU A 227 -7.58 25.88 5.43
CA LEU A 227 -7.75 25.72 3.99
C LEU A 227 -7.67 24.24 3.62
N LEU A 228 -6.69 23.52 4.18
CA LEU A 228 -6.61 22.08 3.97
C LEU A 228 -7.85 21.33 4.47
N CYS A 229 -8.41 21.71 5.60
CA CYS A 229 -9.67 21.09 6.04
C CYS A 229 -10.82 21.29 5.03
N ASN A 230 -10.88 22.47 4.42
CA ASN A 230 -11.87 22.75 3.37
C ASN A 230 -11.60 21.98 2.09
N GLN A 231 -10.33 21.93 1.67
CA GLN A 231 -9.88 21.20 0.49
C GLN A 231 -10.24 19.71 0.53
N TYR A 232 -10.14 19.07 1.71
CA TYR A 232 -10.54 17.67 1.87
C TYR A 232 -11.97 17.49 2.42
N LYS A 233 -12.73 18.57 2.58
CA LYS A 233 -14.08 18.53 3.15
C LYS A 233 -14.17 17.78 4.49
N ILE A 234 -13.20 18.06 5.37
CA ILE A 234 -13.18 17.45 6.70
C ILE A 234 -14.33 18.05 7.48
N GLN A 235 -15.13 17.20 8.11
CA GLN A 235 -16.29 17.64 8.86
C GLN A 235 -16.14 17.50 10.36
N SER A 236 -15.31 16.56 10.81
CA SER A 236 -15.04 16.39 12.23
C SER A 236 -13.64 15.85 12.47
N GLN A 237 -13.22 15.93 13.72
CA GLN A 237 -11.94 15.40 14.15
C GLN A 237 -11.80 13.88 13.93
N ASN A 238 -12.91 13.18 13.73
CA ASN A 238 -12.90 11.74 13.47
C ASN A 238 -12.96 11.31 11.98
N ASP A 239 -12.72 12.23 11.04
CA ASP A 239 -12.58 11.84 9.63
C ASP A 239 -11.12 11.47 9.42
N SER A 240 -10.71 10.33 9.99
CA SER A 240 -9.29 9.99 10.11
C SER A 240 -8.57 9.86 8.78
N ALA A 241 -9.25 9.26 7.79
CA ALA A 241 -8.64 9.02 6.48
C ALA A 241 -8.29 10.34 5.85
N LYS A 242 -9.27 11.24 5.78
CA LYS A 242 -9.01 12.59 5.28
C LYS A 242 -7.96 13.35 6.10
N LEU A 243 -8.07 13.30 7.42
CA LEU A 243 -7.14 14.03 8.31
C LEU A 243 -5.71 13.54 8.20
N LYS A 244 -5.55 12.23 8.04
CA LYS A 244 -4.22 11.63 7.85
C LYS A 244 -3.52 12.19 6.62
N GLN A 245 -4.26 12.35 5.53
CA GLN A 245 -3.74 12.94 4.29
C GLN A 245 -3.39 14.43 4.46
N ALA A 246 -4.33 15.19 5.03
CA ALA A 246 -4.13 16.64 5.26
C ALA A 246 -2.91 16.89 6.14
N LYS A 247 -2.75 16.04 7.17
CA LYS A 247 -1.59 16.12 8.06
C LYS A 247 -0.26 15.92 7.36
N GLU A 248 -0.18 14.91 6.49
CA GLU A 248 1.05 14.63 5.73
C GLU A 248 1.31 15.72 4.69
N GLU A 249 0.27 16.22 4.03
CA GLU A 249 0.46 17.32 3.08
C GLU A 249 0.95 18.58 3.81
N ILE A 250 0.32 18.94 4.93
CA ILE A 250 0.69 20.19 5.63
C ILE A 250 2.12 20.14 6.16
N TYR A 251 2.57 18.97 6.61
CA TYR A 251 3.94 18.78 7.10
C TYR A 251 4.97 19.02 6.01
N LYS A 252 4.77 18.38 4.86
CA LYS A 252 5.66 18.58 3.70
C LYS A 252 5.55 20.00 3.13
N LYS A 253 4.32 20.46 2.91
CA LYS A 253 4.09 21.83 2.43
C LYS A 253 4.82 22.87 3.30
N GLU A 254 4.70 22.76 4.62
CA GLU A 254 5.24 23.78 5.52
C GLU A 254 6.72 23.66 5.85
N PHE A 255 7.26 22.44 5.89
CA PHE A 255 8.70 22.23 6.15
C PHE A 255 9.59 22.89 5.07
N TYR A 256 9.14 22.87 3.82
CA TYR A 256 9.87 23.51 2.73
C TYR A 256 9.45 24.97 2.53
N GLU A 257 8.16 25.19 2.29
CA GLU A 257 7.66 26.53 1.92
C GLU A 257 7.29 27.49 3.07
N GLY A 258 7.21 26.99 4.30
CA GLY A 258 6.65 27.79 5.41
C GLY A 258 7.63 28.78 6.01
N ILE A 259 7.22 30.05 6.10
CA ILE A 259 8.02 31.11 6.75
C ILE A 259 7.43 31.44 8.13
N LEU A 260 8.26 31.42 9.16
CA LEU A 260 7.85 31.86 10.50
C LEU A 260 7.60 33.36 10.50
N ILE A 261 6.52 33.79 11.14
CA ILE A 261 6.22 35.22 11.25
C ILE A 261 6.00 35.67 12.70
N ARG A 262 6.66 34.98 13.64
CA ARG A 262 6.68 35.34 15.06
C ARG A 262 7.99 34.88 15.68
N GLY A 263 8.35 35.52 16.80
CA GLY A 263 9.46 35.05 17.64
C GLY A 263 10.83 35.41 17.10
N LYS A 264 11.84 34.84 17.75
CA LYS A 264 13.25 35.18 17.49
C LYS A 264 13.67 34.97 16.02
N TYR A 265 13.11 33.95 15.37
CA TYR A 265 13.49 33.55 14.01
C TYR A 265 12.45 33.96 12.97
N SER A 266 11.71 35.03 13.25
CA SER A 266 10.68 35.56 12.35
C SER A 266 11.33 35.99 11.03
N GLY A 267 10.67 35.69 9.91
CA GLY A 267 11.23 35.92 8.59
C GLY A 267 11.99 34.74 8.00
N MET A 268 12.42 33.78 8.84
CA MET A 268 13.07 32.55 8.36
C MET A 268 12.07 31.49 7.90
N LYS A 269 12.61 30.52 7.16
CA LYS A 269 11.86 29.32 6.77
C LYS A 269 11.91 28.28 7.88
N ILE A 270 10.91 27.42 7.92
CA ILE A 270 10.80 26.39 8.96
C ILE A 270 12.02 25.47 8.91
N CYS A 271 12.33 24.94 7.71
CA CYS A 271 13.51 24.06 7.53
C CYS A 271 14.81 24.61 8.11
N ASP A 272 14.99 25.94 8.09
CA ASP A 272 16.21 26.59 8.60
C ASP A 272 16.17 26.89 10.10
N ALA A 273 14.99 27.19 10.64
CA ALA A 273 14.84 27.59 12.04
C ALA A 273 14.54 26.43 13.00
N LYS A 274 13.88 25.38 12.50
CA LYS A 274 13.32 24.31 13.33
C LYS A 274 14.30 23.83 14.38
N GLU A 275 15.50 23.47 13.94
CA GLU A 275 16.51 22.94 14.85
C GLU A 275 16.96 23.96 15.89
N LEU A 276 17.11 25.22 15.47
CA LEU A 276 17.45 26.30 16.41
C LEU A 276 16.37 26.48 17.51
N ILE A 277 15.11 26.37 17.13
CA ILE A 277 14.01 26.50 18.08
C ILE A 277 14.04 25.34 19.08
N ARG A 278 14.27 24.13 18.58
CA ARG A 278 14.35 22.92 19.41
C ARG A 278 15.46 23.02 20.45
N GLU A 279 16.64 23.48 20.02
CA GLU A 279 17.79 23.76 20.91
C GLU A 279 17.43 24.72 22.01
N SER A 280 16.83 25.85 21.61
CA SER A 280 16.41 26.91 22.54
C SER A 280 15.44 26.41 23.61
N LEU A 281 14.42 25.67 23.17
CA LEU A 281 13.46 25.05 24.08
C LEU A 281 14.11 24.13 25.08
N ILE A 282 15.12 23.38 24.64
CA ILE A 282 15.79 22.41 25.50
C ILE A 282 16.72 23.08 26.51
N LYS A 283 17.46 24.10 26.08
CA LYS A 283 18.36 24.84 26.99
C LYS A 283 17.62 25.67 28.05
N ASP A 284 16.49 26.27 27.66
CA ASP A 284 15.62 27.00 28.61
C ASP A 284 14.85 26.10 29.59
N GLY A 285 14.80 24.79 29.33
CA GLY A 285 14.08 23.83 30.18
C GLY A 285 12.60 23.64 29.86
N TYR A 286 12.14 24.17 28.73
CA TYR A 286 10.75 24.07 28.33
C TYR A 286 10.44 22.77 27.63
N ALA A 287 11.46 22.03 27.21
CA ALA A 287 11.25 20.76 26.52
C ALA A 287 12.42 19.80 26.71
N LEU A 288 12.18 18.53 26.39
CA LEU A 288 13.19 17.46 26.48
C LEU A 288 13.18 16.67 25.19
N ILE A 289 14.28 15.95 24.93
CA ILE A 289 14.35 14.98 23.84
C ILE A 289 13.66 13.73 24.36
N TYR A 290 12.79 13.13 23.55
CA TYR A 290 12.03 11.96 23.95
C TYR A 290 11.95 11.00 22.77
N LEU A 291 12.42 9.77 22.97
CA LEU A 291 12.41 8.75 21.91
C LEU A 291 11.45 7.64 22.33
N GLU A 292 10.64 7.16 21.38
CA GLU A 292 9.80 5.97 21.61
C GLU A 292 9.64 5.14 20.34
N GLY B 5 -5.00 -9.17 26.25
CA GLY B 5 -6.12 -9.94 26.87
C GLY B 5 -7.22 -10.33 25.89
N PRO B 6 -8.20 -11.12 26.36
CA PRO B 6 -9.33 -11.51 25.51
C PRO B 6 -10.32 -10.34 25.45
N GLN B 7 -10.63 -9.86 24.24
CA GLN B 7 -11.65 -8.81 24.09
C GLN B 7 -13.06 -9.37 24.28
N GLU B 8 -13.92 -8.49 24.77
CA GLU B 8 -15.24 -8.84 25.23
C GLU B 8 -16.21 -8.58 24.07
N TYR B 9 -16.96 -9.61 23.66
CA TYR B 9 -17.94 -9.51 22.57
C TYR B 9 -19.34 -9.70 23.10
N THR B 10 -20.31 -9.20 22.34
CA THR B 10 -21.69 -9.60 22.53
C THR B 10 -21.99 -10.70 21.52
N LEU B 11 -22.44 -11.84 22.03
CA LEU B 11 -22.73 -12.99 21.21
C LEU B 11 -24.22 -13.01 20.89
N ILE B 12 -24.59 -12.55 19.70
CA ILE B 12 -25.99 -12.39 19.33
C ILE B 12 -26.56 -13.74 18.95
N LYS B 13 -27.73 -14.07 19.49
CA LYS B 13 -28.44 -15.31 19.13
C LYS B 13 -29.51 -15.06 18.06
N LEU B 14 -29.35 -15.71 16.89
CA LEU B 14 -30.36 -15.69 15.83
C LEU B 14 -31.03 -17.05 15.76
N LYS B 15 -32.30 -17.14 16.16
CA LYS B 15 -33.00 -18.41 16.19
C LYS B 15 -33.37 -18.87 14.80
N ILE B 16 -33.12 -20.15 14.48
CA ILE B 16 -33.54 -20.71 13.20
C ILE B 16 -35.06 -20.86 13.21
N HIS B 17 -35.69 -20.22 12.23
CA HIS B 17 -37.13 -20.14 12.15
C HIS B 17 -37.71 -21.40 11.48
N LEU B 18 -36.98 -21.95 10.52
CA LEU B 18 -37.33 -23.19 9.87
C LEU B 18 -36.07 -24.04 9.79
N ILE B 19 -36.08 -25.19 10.45
CA ILE B 19 -34.93 -26.09 10.42
C ILE B 19 -34.81 -26.73 9.02
N PRO B 20 -33.65 -26.63 8.37
CA PRO B 20 -33.49 -27.34 7.08
C PRO B 20 -33.77 -28.84 7.20
N GLU B 21 -34.51 -29.38 6.24
CA GLU B 21 -34.91 -30.81 6.22
C GLU B 21 -33.76 -31.77 6.65
N PHE B 22 -32.57 -31.59 6.08
CA PHE B 22 -31.42 -32.48 6.37
C PHE B 22 -30.89 -32.43 7.82
N LEU B 23 -31.17 -31.35 8.57
CA LEU B 23 -30.75 -31.26 9.97
C LEU B 23 -31.82 -31.75 10.95
N GLY B 24 -32.97 -32.17 10.45
CA GLY B 24 -34.12 -32.51 11.31
C GLY B 24 -33.87 -33.57 12.36
N SER B 25 -33.37 -34.73 11.93
CA SER B 25 -33.13 -35.85 12.84
C SER B 25 -31.97 -35.60 13.82
N ILE B 26 -31.09 -34.65 13.47
CA ILE B 26 -29.99 -34.23 14.36
C ILE B 26 -30.48 -33.32 15.49
N VAL B 27 -31.28 -32.30 15.15
CA VAL B 27 -31.68 -31.30 16.14
C VAL B 27 -32.81 -31.79 17.07
N LYS B 28 -33.53 -32.85 16.67
CA LYS B 28 -34.48 -33.52 17.58
C LYS B 28 -35.50 -32.56 18.21
N GLY B 29 -35.96 -31.59 17.44
CA GLY B 29 -36.88 -30.58 17.97
C GLY B 29 -36.41 -29.71 19.13
N ARG B 30 -35.10 -29.58 19.31
CA ARG B 30 -34.52 -28.59 20.23
C ARG B 30 -34.48 -27.22 19.56
N GLU B 31 -34.38 -26.17 20.38
CA GLU B 31 -34.16 -24.83 19.84
C GLU B 31 -32.76 -24.76 19.23
N VAL B 32 -32.65 -24.20 18.01
CA VAL B 32 -31.38 -24.01 17.34
C VAL B 32 -31.15 -22.54 17.05
N PHE B 33 -29.98 -22.04 17.43
CA PHE B 33 -29.58 -20.67 17.21
C PHE B 33 -28.29 -20.63 16.41
N VAL B 34 -28.27 -19.81 15.37
CA VAL B 34 -27.03 -19.33 14.78
C VAL B 34 -26.52 -18.25 15.73
N VAL B 35 -25.19 -18.19 15.95
CA VAL B 35 -24.61 -17.26 16.92
C VAL B 35 -23.46 -16.47 16.30
N CYS B 36 -23.40 -15.17 16.62
CA CYS B 36 -22.51 -14.21 15.95
C CYS B 36 -21.95 -13.24 16.98
N ALA B 37 -20.64 -13.05 16.94
CA ALA B 37 -19.97 -12.18 17.88
C ALA B 37 -19.92 -10.79 17.26
N THR B 38 -20.26 -9.76 18.04
CA THR B 38 -20.16 -8.35 17.60
C THR B 38 -19.65 -7.46 18.74
N LEU B 39 -18.95 -6.39 18.37
CA LEU B 39 -18.56 -5.35 19.30
C LEU B 39 -19.59 -4.22 19.35
N ARG B 40 -20.62 -4.30 18.52
CA ARG B 40 -21.53 -3.18 18.32
C ARG B 40 -22.98 -3.65 18.44
N PRO B 41 -23.37 -4.01 19.67
CA PRO B 41 -24.77 -4.37 19.87
C PRO B 41 -25.76 -3.24 19.52
N GLU B 42 -25.35 -1.97 19.61
CA GLU B 42 -26.25 -0.86 19.21
C GLU B 42 -26.73 -0.87 17.75
N THR B 43 -25.97 -1.54 16.88
CA THR B 43 -26.32 -1.62 15.48
C THR B 43 -27.29 -2.76 15.14
N MET B 44 -27.68 -3.59 16.11
CA MET B 44 -28.56 -4.72 15.78
C MET B 44 -29.97 -4.32 15.28
N TYR B 45 -30.34 -3.04 15.43
CA TYR B 45 -31.58 -2.51 14.83
C TYR B 45 -31.51 -2.51 13.30
N GLY B 46 -30.31 -2.49 12.72
CA GLY B 46 -30.13 -2.48 11.28
C GLY B 46 -29.80 -3.80 10.61
N GLN B 47 -30.03 -4.93 11.28
CA GLN B 47 -29.72 -6.23 10.66
C GLN B 47 -30.57 -6.48 9.42
N THR B 48 -29.91 -6.67 8.29
CA THR B 48 -30.58 -6.96 7.03
C THR B 48 -30.57 -8.43 6.63
N ASN B 49 -29.57 -9.15 7.12
CA ASN B 49 -29.38 -10.56 6.83
C ASN B 49 -28.30 -11.10 7.79
N CYS B 50 -27.93 -12.36 7.64
CA CYS B 50 -26.80 -12.95 8.33
C CYS B 50 -25.78 -13.42 7.30
N TRP B 51 -24.48 -13.35 7.63
CA TRP B 51 -23.38 -13.75 6.73
C TRP B 51 -22.72 -15.06 7.18
N ILE B 52 -22.40 -15.96 6.25
CA ILE B 52 -21.70 -17.21 6.54
C ILE B 52 -20.65 -17.51 5.46
N LEU B 53 -19.56 -18.17 5.83
CA LEU B 53 -18.52 -18.51 4.86
C LEU B 53 -18.98 -19.79 4.18
N PRO B 54 -19.17 -19.77 2.85
CA PRO B 54 -19.68 -21.00 2.23
C PRO B 54 -18.73 -22.22 2.33
N ASP B 55 -17.42 -21.99 2.32
CA ASP B 55 -16.39 -23.02 2.57
C ASP B 55 -16.23 -23.42 4.03
N GLY B 56 -16.69 -22.56 4.94
CA GLY B 56 -16.46 -22.77 6.35
C GLY B 56 -17.16 -24.00 6.84
N GLU B 57 -16.53 -24.69 7.79
CA GLU B 57 -17.13 -25.85 8.41
C GLU B 57 -17.56 -25.43 9.78
N TYR B 58 -18.78 -25.77 10.15
CA TYR B 58 -19.38 -25.33 11.40
C TYR B 58 -19.94 -26.56 12.10
N ASP B 59 -19.92 -26.50 13.43
CA ASP B 59 -20.47 -27.54 14.29
C ASP B 59 -21.84 -27.15 14.77
N LEU B 60 -22.65 -28.16 15.06
CA LEU B 60 -23.92 -27.99 15.78
C LEU B 60 -23.63 -28.42 17.20
N VAL B 61 -23.49 -27.45 18.09
CA VAL B 61 -22.98 -27.67 19.45
C VAL B 61 -24.11 -27.66 20.44
N LEU B 62 -24.24 -28.71 21.24
CA LEU B 62 -25.21 -28.70 22.33
C LEU B 62 -24.77 -27.66 23.34
N ALA B 63 -25.71 -26.85 23.83
CA ALA B 63 -25.40 -25.71 24.69
C ALA B 63 -26.30 -25.71 25.91
N PHE B 64 -25.89 -24.99 26.95
CA PHE B 64 -26.69 -24.83 28.17
C PHE B 64 -27.89 -23.94 27.94
N ASP B 65 -29.03 -24.31 28.52
CA ASP B 65 -30.25 -23.48 28.51
C ASP B 65 -30.08 -22.22 29.36
N GLN B 66 -29.31 -22.33 30.44
CA GLN B 66 -28.98 -21.20 31.31
C GLN B 66 -27.45 -21.13 31.46
N VAL B 67 -26.93 -19.92 31.38
CA VAL B 67 -25.52 -19.62 31.58
C VAL B 67 -25.35 -18.89 32.92
N ILE B 68 -24.19 -19.07 33.57
CA ILE B 68 -23.84 -18.36 34.82
C ILE B 68 -23.32 -16.93 34.47
N PRO B 69 -24.12 -15.85 34.71
CA PRO B 69 -23.78 -14.51 34.15
C PRO B 69 -22.40 -13.95 34.47
N GLY B 77 -11.52 -14.97 37.28
CA GLY B 77 -11.62 -16.28 36.62
C GLY B 77 -13.04 -16.69 36.27
N VAL B 78 -13.18 -17.67 35.38
CA VAL B 78 -14.50 -18.07 34.87
C VAL B 78 -14.75 -19.58 35.02
N LEU B 79 -15.99 -19.94 35.31
CA LEU B 79 -16.36 -21.34 35.55
C LEU B 79 -16.76 -22.07 34.27
N CYS B 80 -16.28 -23.29 34.13
CA CYS B 80 -16.73 -24.21 33.09
C CYS B 80 -17.27 -25.47 33.79
N LYS B 81 -17.87 -26.38 33.02
CA LYS B 81 -18.58 -27.50 33.60
C LYS B 81 -18.46 -28.72 32.71
N ILE B 82 -18.06 -29.85 33.30
CA ILE B 82 -17.77 -31.06 32.52
C ILE B 82 -18.58 -32.23 33.08
N PHE B 83 -19.04 -33.10 32.18
CA PHE B 83 -19.91 -34.22 32.51
C PHE B 83 -19.22 -35.47 32.04
N ASP B 84 -19.64 -36.62 32.56
CA ASP B 84 -19.02 -37.90 32.20
C ASP B 84 -19.38 -38.29 30.78
N LYS B 85 -20.67 -38.28 30.47
CA LYS B 85 -21.16 -38.71 29.17
C LYS B 85 -22.18 -37.72 28.62
N TYR B 86 -22.43 -37.82 27.31
CA TYR B 86 -23.48 -37.03 26.63
C TYR B 86 -24.79 -36.96 27.42
N GLU B 87 -25.27 -38.13 27.83
CA GLU B 87 -26.61 -38.29 28.45
C GLU B 87 -26.81 -37.48 29.74
N ASP B 88 -25.73 -37.21 30.47
CA ASP B 88 -25.79 -36.44 31.72
C ASP B 88 -26.01 -34.94 31.49
N THR B 89 -25.83 -34.48 30.25
CA THR B 89 -25.99 -33.05 29.91
C THR B 89 -27.45 -32.65 29.65
N MET B 90 -28.29 -33.63 29.30
CA MET B 90 -29.60 -33.35 28.67
C MET B 90 -30.62 -32.60 29.53
N LYS B 91 -30.54 -32.70 30.85
CA LYS B 91 -31.43 -31.95 31.73
C LYS B 91 -31.12 -30.45 31.77
N GLU B 92 -29.86 -30.09 31.53
CA GLU B 92 -29.41 -28.68 31.49
C GLU B 92 -29.20 -28.12 30.07
N CYS B 93 -29.16 -29.00 29.07
CA CYS B 93 -28.80 -28.65 27.69
C CYS B 93 -29.79 -29.21 26.65
N ASN B 94 -30.73 -28.38 26.21
CA ASN B 94 -31.67 -28.68 25.10
C ASN B 94 -31.67 -27.56 24.05
N THR B 95 -30.56 -26.83 24.00
CA THR B 95 -30.34 -25.77 23.03
C THR B 95 -29.14 -26.18 22.18
N VAL B 96 -29.17 -25.81 20.91
CA VAL B 96 -28.09 -26.08 19.96
C VAL B 96 -27.61 -24.75 19.39
N TYR B 97 -26.29 -24.55 19.34
CA TYR B 97 -25.70 -23.41 18.63
C TYR B 97 -24.95 -23.88 17.41
N ILE B 98 -25.08 -23.14 16.31
CA ILE B 98 -24.25 -23.36 15.12
C ILE B 98 -23.11 -22.34 15.15
N CYS B 99 -21.88 -22.84 15.06
CA CYS B 99 -20.69 -22.00 15.20
C CYS B 99 -19.43 -22.80 14.85
N SER B 100 -18.31 -22.11 14.70
CA SER B 100 -17.04 -22.78 14.46
C SER B 100 -16.68 -23.65 15.66
N GLU B 101 -16.04 -24.79 15.39
CA GLU B 101 -15.56 -25.67 16.47
C GLU B 101 -14.68 -24.88 17.45
N ARG B 102 -13.78 -24.07 16.89
CA ARG B 102 -12.92 -23.22 17.65
C ARG B 102 -13.69 -22.34 18.62
N SER B 103 -14.75 -21.67 18.15
CA SER B 103 -15.56 -20.82 19.04
C SER B 103 -16.34 -21.65 20.07
N ALA B 104 -16.70 -22.86 19.71
CA ALA B 104 -17.42 -23.73 20.62
C ALA B 104 -16.56 -24.06 21.84
N TYR B 105 -15.27 -24.33 21.63
CA TYR B 105 -14.35 -24.59 22.75
C TYR B 105 -14.21 -23.35 23.64
N ASN B 106 -13.96 -22.18 23.05
CA ASN B 106 -13.96 -20.94 23.82
C ASN B 106 -15.23 -20.78 24.65
N MET B 107 -16.37 -21.17 24.06
CA MET B 107 -17.66 -21.13 24.77
C MET B 107 -17.65 -22.10 25.96
N ALA B 108 -17.21 -23.34 25.71
CA ALA B 108 -17.10 -24.36 26.77
C ALA B 108 -16.20 -23.91 27.92
N TYR B 109 -15.10 -23.24 27.60
CA TYR B 109 -14.16 -22.75 28.61
C TYR B 109 -14.63 -21.53 29.36
N GLN B 110 -15.78 -20.97 29.00
CA GLN B 110 -16.38 -19.91 29.82
C GLN B 110 -17.83 -20.23 30.23
N GLY B 111 -18.18 -21.52 30.21
CA GLY B 111 -19.47 -21.98 30.76
C GLY B 111 -20.71 -21.75 29.90
N ILE B 112 -20.52 -21.57 28.59
CA ILE B 112 -21.62 -21.37 27.66
C ILE B 112 -22.16 -22.69 27.12
N VAL B 113 -21.28 -23.64 26.83
CA VAL B 113 -21.67 -25.03 26.46
C VAL B 113 -20.95 -26.06 27.33
N PRO B 114 -21.53 -27.27 27.48
CA PRO B 114 -20.90 -28.26 28.36
C PRO B 114 -19.69 -28.94 27.73
N LEU B 115 -18.77 -29.40 28.57
CA LEU B 115 -17.73 -30.34 28.17
C LEU B 115 -18.15 -31.74 28.61
N ILE B 116 -17.66 -32.75 27.89
CA ILE B 116 -17.81 -34.15 28.32
C ILE B 116 -16.47 -34.89 28.27
N HIS B 117 -16.40 -36.05 28.91
CA HIS B 117 -15.17 -36.85 28.89
C HIS B 117 -14.95 -37.49 27.52
N GLY B 118 -13.73 -37.38 27.03
CA GLY B 118 -13.23 -38.19 25.95
C GLY B 118 -11.92 -38.79 26.43
N ARG B 119 -11.33 -39.64 25.57
CA ARG B 119 -10.04 -40.24 25.82
C ARG B 119 -9.13 -39.92 24.64
N GLU B 120 -7.88 -39.59 24.91
CA GLU B 120 -6.87 -39.51 23.85
C GLU B 120 -6.87 -40.80 23.05
N GLN B 121 -6.47 -40.72 21.78
CA GLN B 121 -6.23 -41.93 21.01
C GLN B 121 -4.99 -42.63 21.57
N GLY B 122 -4.90 -43.93 21.29
CA GLY B 122 -3.66 -44.68 21.50
C GLY B 122 -3.54 -45.42 22.79
N VAL B 123 -2.29 -45.73 23.11
CA VAL B 123 -1.92 -46.50 24.31
C VAL B 123 -2.34 -45.76 25.59
N SER B 124 -2.34 -44.42 25.50
CA SER B 124 -2.83 -43.49 26.52
C SER B 124 -4.24 -43.76 27.07
N ASP B 125 -4.36 -43.61 28.39
CA ASP B 125 -5.62 -43.69 29.13
C ASP B 125 -6.16 -42.28 29.45
N LYS B 126 -5.52 -41.25 28.92
CA LYS B 126 -5.56 -39.90 29.48
C LYS B 126 -6.81 -39.10 29.06
N LEU B 127 -7.21 -38.20 29.94
CA LEU B 127 -8.43 -37.42 29.77
C LEU B 127 -8.28 -36.40 28.64
N LEU B 128 -9.29 -36.36 27.75
CA LEU B 128 -9.43 -35.32 26.74
C LEU B 128 -10.86 -34.76 26.87
N PRO B 129 -11.00 -33.51 27.35
CA PRO B 129 -12.35 -32.92 27.35
C PRO B 129 -12.80 -32.53 25.92
N ARG B 130 -14.09 -32.63 25.69
CA ARG B 130 -14.68 -32.44 24.38
C ARG B 130 -16.02 -31.75 24.49
N ILE B 131 -16.32 -30.91 23.51
CA ILE B 131 -17.68 -30.35 23.34
C ILE B 131 -18.61 -31.46 22.89
N VAL B 132 -19.91 -31.25 23.01
CA VAL B 132 -20.90 -32.17 22.46
C VAL B 132 -21.27 -31.67 21.06
N SER B 133 -20.60 -32.18 20.04
CA SER B 133 -20.94 -31.87 18.65
C SER B 133 -21.97 -32.88 18.14
N LEU B 134 -23.13 -32.39 17.71
CA LEU B 134 -24.19 -33.24 17.12
C LEU B 134 -23.99 -33.54 15.63
N GLY B 135 -23.05 -32.84 14.99
CA GLY B 135 -22.89 -32.90 13.54
C GLY B 135 -22.15 -31.68 13.03
N LYS B 136 -21.67 -31.77 11.80
CA LYS B 136 -20.92 -30.69 11.17
C LYS B 136 -21.62 -30.32 9.87
N VAL B 137 -21.42 -29.08 9.42
CA VAL B 137 -22.16 -28.57 8.28
C VAL B 137 -21.31 -27.55 7.54
N TYR B 138 -21.43 -27.50 6.21
CA TYR B 138 -20.81 -26.44 5.43
C TYR B 138 -21.69 -25.18 5.45
N GLY B 139 -21.06 -24.02 5.49
CA GLY B 139 -21.79 -22.75 5.46
C GLY B 139 -22.73 -22.70 4.28
N GLU B 140 -22.23 -23.14 3.12
CA GLU B 140 -23.00 -23.21 1.86
C GLU B 140 -24.37 -23.83 2.03
N GLN B 141 -24.45 -24.87 2.87
CA GLN B 141 -25.69 -25.59 3.11
C GLN B 141 -26.70 -24.84 3.98
N LEU B 142 -26.29 -23.78 4.65
CA LEU B 142 -27.20 -22.98 5.50
C LEU B 142 -27.69 -21.72 4.78
N ILE B 143 -27.17 -21.44 3.59
CA ILE B 143 -27.58 -20.29 2.80
C ILE B 143 -29.08 -20.38 2.57
N GLY B 144 -29.78 -19.29 2.88
CA GLY B 144 -31.23 -19.23 2.72
C GLY B 144 -32.05 -19.66 3.91
N THR B 145 -31.39 -19.99 5.03
CA THR B 145 -32.11 -20.38 6.25
C THR B 145 -32.75 -19.11 6.82
N PRO B 146 -34.03 -19.17 7.23
CA PRO B 146 -34.64 -17.99 7.86
C PRO B 146 -34.30 -17.94 9.35
N LEU B 147 -33.99 -16.74 9.83
CA LEU B 147 -33.59 -16.48 11.22
C LEU B 147 -34.47 -15.43 11.87
N SER B 148 -34.94 -15.72 13.06
CA SER B 148 -35.56 -14.72 13.90
C SER B 148 -34.46 -13.99 14.68
N ALA B 149 -34.29 -12.70 14.39
CA ALA B 149 -33.21 -11.88 14.91
C ALA B 149 -33.79 -10.86 15.86
N PRO B 150 -33.04 -10.50 16.91
CA PRO B 150 -33.49 -9.48 17.86
C PRO B 150 -33.28 -8.09 17.30
N MET B 151 -34.11 -7.16 17.76
CA MET B 151 -33.95 -5.71 17.54
C MET B 151 -34.29 -5.20 16.14
N THR B 152 -33.82 -5.88 15.09
CA THR B 152 -34.14 -5.44 13.72
C THR B 152 -35.66 -5.49 13.47
N PRO B 153 -36.23 -4.40 12.94
CA PRO B 153 -37.66 -4.40 12.67
C PRO B 153 -38.06 -5.34 11.49
N TYR B 154 -37.10 -5.74 10.67
CA TYR B 154 -37.33 -6.83 9.71
C TYR B 154 -37.71 -8.17 10.37
N SER B 155 -37.21 -8.41 11.58
CA SER B 155 -37.61 -9.55 12.45
C SER B 155 -37.11 -10.91 11.98
N LEU B 156 -37.43 -11.25 10.74
CA LEU B 156 -37.07 -12.49 10.12
C LEU B 156 -36.09 -12.14 9.02
N ILE B 157 -34.86 -12.67 9.10
CA ILE B 157 -33.82 -12.40 8.11
C ILE B 157 -33.21 -13.71 7.61
N PHE B 158 -32.35 -13.63 6.60
CA PHE B 158 -31.86 -14.82 5.91
C PHE B 158 -30.33 -14.90 5.91
N ILE B 159 -29.80 -16.12 5.91
CA ILE B 159 -28.35 -16.34 5.78
C ILE B 159 -27.92 -16.19 4.32
N LEU B 160 -26.89 -15.38 4.10
CA LEU B 160 -26.30 -15.17 2.79
C LEU B 160 -24.79 -15.38 2.85
N PRO B 161 -24.13 -15.64 1.71
CA PRO B 161 -22.68 -15.87 1.74
C PRO B 161 -21.83 -14.59 1.77
N MET B 162 -20.81 -14.60 2.62
CA MET B 162 -19.76 -13.57 2.63
C MET B 162 -18.41 -14.28 2.56
N PHE B 163 -17.53 -13.80 1.70
CA PHE B 163 -16.30 -14.52 1.37
C PHE B 163 -15.10 -14.03 2.14
N SER B 164 -15.22 -12.85 2.76
CA SER B 164 -14.15 -12.28 3.57
C SER B 164 -14.14 -12.76 5.03
N ILE B 165 -15.04 -13.65 5.44
CA ILE B 165 -15.10 -14.08 6.83
C ILE B 165 -13.88 -14.91 7.18
N SER B 166 -13.24 -14.57 8.31
CA SER B 166 -12.18 -15.40 8.86
C SER B 166 -12.75 -16.45 9.81
N MET B 167 -12.35 -17.72 9.63
CA MET B 167 -12.73 -18.77 10.58
C MET B 167 -11.88 -18.73 11.87
N GLU B 168 -10.86 -17.87 11.91
CA GLU B 168 -10.02 -17.68 13.10
C GLU B 168 -10.57 -16.65 14.10
N LYS B 169 -11.67 -15.98 13.76
CA LYS B 169 -12.28 -14.96 14.63
C LYS B 169 -13.72 -15.32 14.88
N GLY B 170 -14.26 -14.81 15.99
CA GLY B 170 -15.63 -15.06 16.39
C GLY B 170 -16.10 -16.49 16.18
N THR B 171 -17.34 -16.61 15.72
CA THR B 171 -17.93 -17.91 15.41
C THR B 171 -17.77 -18.34 13.94
N GLY B 172 -17.23 -17.48 13.09
CA GLY B 172 -17.33 -17.65 11.63
C GLY B 172 -18.69 -17.27 11.01
N ILE B 173 -19.63 -16.78 11.82
CA ILE B 173 -20.94 -16.34 11.35
C ILE B 173 -21.12 -14.92 11.87
N VAL B 174 -21.38 -13.97 10.99
CA VAL B 174 -21.46 -12.55 11.40
C VAL B 174 -22.78 -11.94 11.01
N THR B 175 -23.20 -10.96 11.79
CA THR B 175 -24.40 -10.18 11.52
C THR B 175 -24.14 -9.22 10.35
N SER B 176 -25.21 -8.75 9.71
CA SER B 176 -25.10 -7.82 8.57
C SER B 176 -25.88 -6.54 8.87
N VAL B 177 -25.15 -5.44 9.03
CA VAL B 177 -25.73 -4.11 9.22
C VAL B 177 -25.11 -3.18 8.19
N PRO B 178 -25.57 -3.30 6.91
CA PRO B 178 -24.95 -2.58 5.80
C PRO B 178 -25.11 -1.06 5.83
N SER B 179 -26.06 -0.54 6.59
CA SER B 179 -26.12 0.92 6.82
C SER B 179 -24.87 1.46 7.49
N ASP B 180 -24.31 0.67 8.42
CA ASP B 180 -23.25 1.17 9.32
C ASP B 180 -21.97 0.31 9.45
N SER B 181 -21.85 -0.73 8.62
CA SER B 181 -20.63 -1.54 8.51
C SER B 181 -20.12 -1.57 7.05
N PRO B 182 -18.91 -1.05 6.80
CA PRO B 182 -18.38 -1.07 5.43
C PRO B 182 -18.25 -2.48 4.84
N ASP B 183 -17.82 -3.45 5.64
CA ASP B 183 -17.79 -4.86 5.22
C ASP B 183 -19.17 -5.31 4.73
N ASP B 184 -20.19 -5.06 5.54
CA ASP B 184 -21.54 -5.52 5.24
C ASP B 184 -22.11 -4.87 3.98
N TYR B 185 -21.87 -3.57 3.84
CA TYR B 185 -22.24 -2.82 2.64
C TYR B 185 -21.58 -3.43 1.40
N ALA B 186 -20.27 -3.59 1.45
CA ALA B 186 -19.52 -4.15 0.33
C ALA B 186 -20.02 -5.53 -0.10
N ALA B 187 -20.27 -6.39 0.88
CA ALA B 187 -20.71 -7.76 0.62
C ALA B 187 -22.15 -7.81 0.10
N LEU B 188 -23.02 -6.96 0.63
CA LEU B 188 -24.41 -6.93 0.16
C LEU B 188 -24.50 -6.32 -1.25
N ARG B 189 -23.68 -5.31 -1.55
CA ARG B 189 -23.61 -4.73 -2.90
C ARG B 189 -23.12 -5.76 -3.91
N ASP B 190 -22.08 -6.53 -3.55
CA ASP B 190 -21.59 -7.61 -4.42
C ASP B 190 -22.75 -8.55 -4.82
N ILE B 191 -23.54 -8.98 -3.85
CA ILE B 191 -24.71 -9.82 -4.10
C ILE B 191 -25.76 -9.12 -4.96
N LYS B 192 -26.05 -7.86 -4.66
CA LYS B 192 -27.08 -7.11 -5.36
C LYS B 192 -26.71 -6.78 -6.81
N THR B 193 -25.41 -6.61 -7.12
CA THR B 193 -24.94 -6.19 -8.46
C THR B 193 -24.31 -7.30 -9.33
N LYS B 194 -24.21 -8.53 -8.82
CA LYS B 194 -23.61 -9.65 -9.57
C LYS B 194 -24.61 -10.80 -9.74
N PRO B 195 -25.36 -10.81 -10.86
CA PRO B 195 -26.32 -11.90 -11.06
C PRO B 195 -25.70 -13.28 -11.05
N LEU B 196 -24.47 -13.40 -11.53
CA LEU B 196 -23.81 -14.70 -11.62
C LEU B 196 -23.45 -15.25 -10.23
N LEU B 197 -23.11 -14.35 -9.29
CA LEU B 197 -22.90 -14.72 -7.90
C LEU B 197 -24.18 -15.24 -7.27
N ARG B 198 -25.30 -14.57 -7.56
CA ARG B 198 -26.57 -15.03 -7.02
C ARG B 198 -26.96 -16.41 -7.58
N GLU B 199 -26.73 -16.61 -8.89
CA GLU B 199 -26.99 -17.91 -9.53
C GLU B 199 -26.11 -19.00 -8.94
N LYS B 200 -24.82 -18.71 -8.78
CA LYS B 200 -23.85 -19.68 -8.23
C LYS B 200 -24.27 -20.23 -6.87
N TYR B 201 -24.85 -19.38 -6.02
CA TYR B 201 -25.28 -19.77 -4.66
C TYR B 201 -26.79 -19.89 -4.48
N SER B 202 -27.52 -19.89 -5.60
CA SER B 202 -28.97 -20.04 -5.61
C SER B 202 -29.66 -19.03 -4.67
N ILE B 203 -29.19 -17.80 -4.72
CA ILE B 203 -29.78 -16.75 -3.90
C ILE B 203 -31.08 -16.21 -4.53
N LYS B 204 -32.16 -16.41 -3.81
CA LYS B 204 -33.47 -15.89 -4.18
C LYS B 204 -33.55 -14.42 -3.86
N ASP B 205 -34.15 -13.64 -4.77
CA ASP B 205 -34.34 -12.17 -4.62
C ASP B 205 -34.93 -11.80 -3.25
N GLU B 206 -35.91 -12.56 -2.78
CA GLU B 206 -36.63 -12.22 -1.54
C GLU B 206 -35.81 -12.37 -0.23
N TRP B 207 -34.61 -12.96 -0.33
CA TRP B 207 -33.70 -13.09 0.81
C TRP B 207 -32.91 -11.82 1.06
N ILE B 208 -32.90 -10.93 0.08
CA ILE B 208 -32.04 -9.75 0.09
C ILE B 208 -32.89 -8.61 0.62
N LEU B 209 -32.61 -8.13 1.84
CA LEU B 209 -33.32 -6.98 2.43
C LEU B 209 -32.45 -5.72 2.37
N ASP B 210 -33.10 -4.57 2.19
CA ASP B 210 -32.39 -3.28 2.02
C ASP B 210 -31.87 -2.71 3.36
N PRO B 211 -30.76 -1.96 3.31
CA PRO B 211 -30.25 -1.26 4.49
C PRO B 211 -31.32 -0.44 5.22
N LEU B 212 -31.26 -0.46 6.56
CA LEU B 212 -32.16 0.32 7.40
C LEU B 212 -31.48 1.57 7.94
N GLU B 213 -32.25 2.65 8.05
CA GLU B 213 -31.80 3.89 8.66
C GLU B 213 -31.95 3.72 10.16
N ILE B 214 -30.83 3.67 10.86
CA ILE B 214 -30.83 3.45 12.31
C ILE B 214 -29.95 4.41 13.11
N ILE B 215 -28.90 4.95 12.50
CA ILE B 215 -27.94 5.79 13.18
C ILE B 215 -27.75 7.06 12.36
N GLU B 216 -27.97 8.22 12.97
CA GLU B 216 -27.67 9.49 12.32
C GLU B 216 -26.29 9.96 12.74
N VAL B 217 -25.46 10.26 11.74
CA VAL B 217 -24.18 10.88 11.94
C VAL B 217 -24.30 12.26 11.28
N PRO B 218 -24.44 13.34 12.11
CA PRO B 218 -24.52 14.70 11.56
C PRO B 218 -23.43 14.95 10.53
N GLY B 219 -23.85 15.45 9.36
CA GLY B 219 -22.95 15.67 8.23
C GLY B 219 -22.83 14.51 7.26
N PHE B 220 -23.19 13.30 7.69
CA PHE B 220 -23.14 12.10 6.83
C PHE B 220 -24.55 11.58 6.51
N GLY B 221 -25.46 11.60 7.49
CA GLY B 221 -26.82 11.11 7.30
C GLY B 221 -27.00 9.74 7.93
N PHE B 222 -27.78 8.87 7.27
CA PHE B 222 -28.14 7.56 7.81
C PHE B 222 -27.49 6.36 7.09
N MET B 223 -26.61 6.60 6.12
CA MET B 223 -25.91 5.54 5.41
C MET B 223 -24.41 5.82 5.40
N THR B 224 -23.85 5.99 6.59
CA THR B 224 -22.43 6.29 6.77
C THR B 224 -21.52 5.27 6.10
N ALA B 225 -21.88 3.99 6.14
CA ALA B 225 -21.05 2.94 5.52
C ALA B 225 -20.94 3.08 3.99
N GLU B 226 -22.06 3.36 3.35
CA GLU B 226 -22.07 3.65 1.91
C GLU B 226 -21.11 4.80 1.60
N LEU B 227 -21.34 5.94 2.25
CA LEU B 227 -20.50 7.13 2.06
C LEU B 227 -19.01 6.88 2.30
N LEU B 228 -18.68 6.10 3.34
CA LEU B 228 -17.27 5.76 3.60
C LEU B 228 -16.68 4.82 2.57
N CYS B 229 -17.44 3.80 2.17
CA CYS B 229 -16.99 2.91 1.09
C CYS B 229 -16.69 3.73 -0.18
N ASN B 230 -17.58 4.65 -0.53
CA ASN B 230 -17.37 5.53 -1.70
C ASN B 230 -16.12 6.38 -1.54
N GLN B 231 -16.00 7.05 -0.41
CA GLN B 231 -14.82 7.87 -0.12
C GLN B 231 -13.51 7.07 -0.20
N TYR B 232 -13.52 5.85 0.33
CA TYR B 232 -12.34 4.97 0.27
C TYR B 232 -12.15 4.33 -1.11
N LYS B 233 -13.14 4.48 -2.00
CA LYS B 233 -13.18 3.80 -3.29
C LYS B 233 -13.03 2.29 -3.09
N ILE B 234 -13.89 1.76 -2.24
CA ILE B 234 -13.95 0.33 -1.97
C ILE B 234 -14.87 -0.23 -3.04
N GLN B 235 -14.36 -1.15 -3.84
CA GLN B 235 -15.11 -1.71 -4.98
C GLN B 235 -15.54 -3.17 -4.80
N SER B 236 -15.07 -3.82 -3.75
CA SER B 236 -15.26 -5.24 -3.53
C SER B 236 -15.17 -5.56 -2.04
N GLN B 237 -15.92 -6.58 -1.61
CA GLN B 237 -15.79 -7.08 -0.24
C GLN B 237 -14.39 -7.62 0.05
N ASN B 238 -13.58 -7.86 -0.99
CA ASN B 238 -12.21 -8.35 -0.83
C ASN B 238 -11.13 -7.28 -0.69
N ASP B 239 -11.51 -6.00 -0.65
CA ASP B 239 -10.54 -4.90 -0.45
C ASP B 239 -10.15 -4.81 1.04
N SER B 240 -9.41 -5.79 1.53
CA SER B 240 -9.29 -6.03 2.96
C SER B 240 -8.57 -4.91 3.70
N ALA B 241 -7.50 -4.38 3.10
CA ALA B 241 -6.76 -3.26 3.68
C ALA B 241 -7.63 -2.00 3.87
N LYS B 242 -8.31 -1.57 2.81
CA LYS B 242 -9.22 -0.41 2.89
C LYS B 242 -10.40 -0.62 3.86
N LEU B 243 -10.99 -1.80 3.81
CA LEU B 243 -12.10 -2.14 4.71
C LEU B 243 -11.70 -2.17 6.17
N LYS B 244 -10.50 -2.68 6.47
CA LYS B 244 -10.01 -2.67 7.84
C LYS B 244 -9.89 -1.24 8.36
N GLN B 245 -9.33 -0.36 7.54
CA GLN B 245 -9.16 1.03 7.93
C GLN B 245 -10.53 1.68 8.09
N ALA B 246 -11.40 1.52 7.10
CA ALA B 246 -12.73 2.11 7.15
C ALA B 246 -13.54 1.60 8.35
N LYS B 247 -13.38 0.33 8.67
CA LYS B 247 -14.06 -0.24 9.82
C LYS B 247 -13.60 0.45 11.12
N GLU B 248 -12.29 0.67 11.24
CA GLU B 248 -11.73 1.41 12.38
C GLU B 248 -12.31 2.81 12.41
N GLU B 249 -12.28 3.50 11.28
CA GLU B 249 -12.78 4.88 11.23
C GLU B 249 -14.27 5.00 11.59
N ILE B 250 -15.12 4.11 11.08
CA ILE B 250 -16.56 4.22 11.35
C ILE B 250 -16.92 3.85 12.81
N TYR B 251 -16.17 2.92 13.40
CA TYR B 251 -16.35 2.58 14.80
C TYR B 251 -16.19 3.84 15.69
N LYS B 252 -15.08 4.57 15.48
CA LYS B 252 -14.78 5.81 16.22
C LYS B 252 -15.82 6.88 15.93
N LYS B 253 -16.03 7.11 14.63
CA LYS B 253 -16.92 8.16 14.14
C LYS B 253 -18.30 8.00 14.74
N GLU B 254 -18.85 6.80 14.69
CA GLU B 254 -20.21 6.59 15.17
C GLU B 254 -20.31 6.52 16.69
N PHE B 255 -19.28 5.99 17.34
CA PHE B 255 -19.27 5.91 18.81
C PHE B 255 -19.34 7.31 19.45
N TYR B 256 -18.59 8.25 18.89
CA TYR B 256 -18.52 9.61 19.40
C TYR B 256 -19.60 10.59 18.84
N GLU B 257 -20.04 10.38 17.59
CA GLU B 257 -20.97 11.30 16.91
C GLU B 257 -22.31 10.71 16.47
N GLY B 258 -22.50 9.40 16.62
CA GLY B 258 -23.70 8.73 16.12
C GLY B 258 -24.85 8.86 17.09
N ILE B 259 -26.04 9.14 16.54
CA ILE B 259 -27.24 9.20 17.34
C ILE B 259 -28.21 8.13 16.84
N LEU B 260 -28.73 7.32 17.76
CA LEU B 260 -29.71 6.31 17.40
C LEU B 260 -31.03 6.99 17.06
N ILE B 261 -31.69 6.51 16.01
CA ILE B 261 -33.01 6.98 15.63
C ILE B 261 -34.07 5.89 15.73
N ARG B 262 -33.75 4.79 16.43
CA ARG B 262 -34.60 3.61 16.52
C ARG B 262 -34.62 3.07 17.93
N GLY B 263 -35.73 2.47 18.33
CA GLY B 263 -35.81 1.69 19.57
C GLY B 263 -35.95 2.52 20.82
N LYS B 264 -35.91 1.83 21.96
CA LYS B 264 -36.04 2.42 23.30
C LYS B 264 -35.20 3.68 23.51
N TYR B 265 -33.96 3.67 23.01
CA TYR B 265 -33.01 4.76 23.25
C TYR B 265 -32.88 5.70 22.06
N SER B 266 -33.94 5.83 21.28
CA SER B 266 -33.93 6.71 20.12
C SER B 266 -33.68 8.14 20.59
N GLY B 267 -32.86 8.89 19.85
CA GLY B 267 -32.45 10.24 20.24
C GLY B 267 -31.17 10.33 21.07
N MET B 268 -30.78 9.25 21.75
CA MET B 268 -29.53 9.22 22.52
C MET B 268 -28.30 8.96 21.65
N LYS B 269 -27.15 9.43 22.16
CA LYS B 269 -25.84 9.19 21.55
C LYS B 269 -25.45 7.72 21.74
N ILE B 270 -24.70 7.17 20.79
CA ILE B 270 -24.26 5.76 20.90
C ILE B 270 -23.42 5.51 22.16
N CYS B 271 -22.47 6.42 22.46
CA CYS B 271 -21.65 6.25 23.67
C CYS B 271 -22.48 6.24 24.96
N ASP B 272 -23.58 6.97 25.00
CA ASP B 272 -24.49 6.94 26.16
C ASP B 272 -25.38 5.70 26.21
N ALA B 273 -25.78 5.18 25.04
CA ALA B 273 -26.79 4.10 24.96
C ALA B 273 -26.20 2.69 24.85
N LYS B 274 -24.97 2.60 24.36
CA LYS B 274 -24.37 1.33 23.99
C LYS B 274 -24.50 0.27 25.09
N GLU B 275 -23.96 0.55 26.28
CA GLU B 275 -23.97 -0.45 27.35
C GLU B 275 -25.37 -0.80 27.87
N LEU B 276 -26.32 0.14 27.84
CA LEU B 276 -27.72 -0.14 28.21
C LEU B 276 -28.38 -1.13 27.23
N ILE B 277 -28.08 -1.00 25.94
CA ILE B 277 -28.57 -1.94 24.90
C ILE B 277 -28.02 -3.35 25.12
N ARG B 278 -26.71 -3.42 25.34
CA ARG B 278 -26.04 -4.67 25.66
C ARG B 278 -26.65 -5.38 26.88
N GLU B 279 -26.82 -4.64 27.97
CA GLU B 279 -27.42 -5.17 29.21
C GLU B 279 -28.82 -5.71 28.94
N SER B 280 -29.59 -4.96 28.16
CA SER B 280 -30.96 -5.35 27.78
C SER B 280 -30.98 -6.66 26.98
N LEU B 281 -30.12 -6.75 25.97
CA LEU B 281 -30.00 -7.97 25.18
C LEU B 281 -29.66 -9.21 26.04
N ILE B 282 -28.73 -9.06 26.98
CA ILE B 282 -28.33 -10.17 27.85
C ILE B 282 -29.44 -10.53 28.83
N LYS B 283 -30.07 -9.54 29.43
CA LYS B 283 -31.20 -9.77 30.34
C LYS B 283 -32.40 -10.46 29.67
N ASP B 284 -32.65 -10.16 28.40
CA ASP B 284 -33.75 -10.80 27.63
C ASP B 284 -33.42 -12.19 27.04
N GLY B 285 -32.16 -12.63 27.13
CA GLY B 285 -31.75 -13.89 26.54
C GLY B 285 -31.52 -13.83 25.03
N TYR B 286 -31.43 -12.63 24.46
CA TYR B 286 -31.14 -12.49 23.03
C TYR B 286 -29.65 -12.56 22.74
N ALA B 287 -28.80 -12.40 23.76
CA ALA B 287 -27.35 -12.46 23.58
C ALA B 287 -26.63 -12.88 24.86
N LEU B 288 -25.40 -13.37 24.70
CA LEU B 288 -24.52 -13.72 25.83
C LEU B 288 -23.26 -12.88 25.79
N ILE B 289 -22.55 -12.84 26.91
CA ILE B 289 -21.20 -12.28 26.95
C ILE B 289 -20.27 -13.38 26.48
N TYR B 290 -19.32 -13.02 25.63
CA TYR B 290 -18.43 -13.98 25.01
C TYR B 290 -17.02 -13.40 24.87
N LEU B 291 -16.05 -14.02 25.53
CA LEU B 291 -14.66 -13.61 25.49
C LEU B 291 -13.89 -14.47 24.50
N GLU B 292 -13.03 -13.81 23.73
CA GLU B 292 -11.97 -14.52 23.01
C GLU B 292 -10.79 -13.57 22.76
N GLY C 5 -20.29 -24.62 -19.67
CA GLY C 5 -19.04 -25.28 -20.19
C GLY C 5 -18.03 -24.30 -20.75
N PRO C 6 -16.86 -24.81 -21.20
CA PRO C 6 -15.82 -23.92 -21.72
C PRO C 6 -16.08 -23.41 -23.15
N GLN C 7 -15.49 -22.26 -23.47
CA GLN C 7 -15.53 -21.64 -24.79
C GLN C 7 -14.17 -21.88 -25.47
N GLU C 8 -14.17 -22.12 -26.78
CA GLU C 8 -12.93 -22.35 -27.55
C GLU C 8 -12.45 -21.08 -28.29
N TYR C 9 -11.48 -20.39 -27.70
CA TYR C 9 -10.86 -19.21 -28.28
C TYR C 9 -9.63 -19.57 -29.13
N THR C 10 -9.26 -18.65 -30.01
CA THR C 10 -7.94 -18.68 -30.63
C THR C 10 -7.06 -17.69 -29.88
N LEU C 11 -5.86 -18.14 -29.51
CA LEU C 11 -4.92 -17.35 -28.75
C LEU C 11 -3.84 -16.83 -29.71
N ILE C 12 -3.92 -15.53 -30.01
CA ILE C 12 -3.05 -14.92 -31.00
C ILE C 12 -1.75 -14.49 -30.35
N LYS C 13 -0.65 -14.79 -31.02
CA LYS C 13 0.67 -14.39 -30.55
C LYS C 13 1.13 -13.13 -31.30
N LEU C 14 1.30 -12.04 -30.56
CA LEU C 14 1.87 -10.80 -31.08
C LEU C 14 3.29 -10.69 -30.58
N LYS C 15 4.26 -10.81 -31.48
CA LYS C 15 5.66 -10.81 -31.09
C LYS C 15 6.15 -9.40 -30.74
N ILE C 16 6.76 -9.26 -29.56
CA ILE C 16 7.41 -8.01 -29.20
C ILE C 16 8.65 -7.87 -30.09
N HIS C 17 8.65 -6.81 -30.91
CA HIS C 17 9.73 -6.54 -31.86
C HIS C 17 10.99 -5.99 -31.18
N LEU C 18 10.82 -5.26 -30.08
CA LEU C 18 11.94 -4.74 -29.31
C LEU C 18 11.57 -4.66 -27.84
N ILE C 19 12.31 -5.41 -27.03
CA ILE C 19 11.95 -5.60 -25.63
C ILE C 19 12.27 -4.30 -24.91
N PRO C 20 11.30 -3.71 -24.19
CA PRO C 20 11.65 -2.54 -23.39
C PRO C 20 12.86 -2.80 -22.49
N GLU C 21 13.68 -1.79 -22.29
CA GLU C 21 14.93 -1.95 -21.55
C GLU C 21 14.68 -2.40 -20.09
N PHE C 22 13.59 -1.94 -19.48
CA PHE C 22 13.28 -2.35 -18.11
C PHE C 22 12.93 -3.83 -17.96
N LEU C 23 12.46 -4.48 -19.03
CA LEU C 23 12.13 -5.91 -18.99
C LEU C 23 13.29 -6.77 -19.43
N GLY C 24 14.32 -6.20 -20.05
CA GLY C 24 15.44 -6.94 -20.61
C GLY C 24 16.16 -7.92 -19.69
N SER C 25 16.19 -7.64 -18.39
CA SER C 25 16.79 -8.55 -17.42
C SER C 25 15.84 -9.70 -17.09
N ILE C 26 14.58 -9.34 -16.82
CA ILE C 26 13.50 -10.32 -16.60
C ILE C 26 13.42 -11.35 -17.76
N VAL C 27 13.51 -10.91 -19.02
CA VAL C 27 13.30 -11.83 -20.15
C VAL C 27 14.55 -12.58 -20.57
N LYS C 28 15.74 -12.02 -20.36
CA LYS C 28 17.02 -12.68 -20.69
C LYS C 28 17.14 -13.12 -22.18
N GLY C 29 16.77 -12.22 -23.09
CA GLY C 29 16.98 -12.47 -24.51
C GLY C 29 16.16 -13.58 -25.13
N ARG C 30 15.09 -14.01 -24.48
CA ARG C 30 14.15 -14.98 -25.07
C ARG C 30 13.17 -14.24 -25.97
N GLU C 31 12.41 -15.01 -26.76
CA GLU C 31 11.30 -14.45 -27.55
C GLU C 31 10.11 -14.19 -26.65
N VAL C 32 9.56 -12.99 -26.75
CA VAL C 32 8.42 -12.58 -25.95
C VAL C 32 7.25 -12.27 -26.87
N PHE C 33 6.08 -12.75 -26.48
CA PHE C 33 4.84 -12.52 -27.16
C PHE C 33 3.82 -11.96 -26.20
N VAL C 34 3.05 -11.00 -26.68
CA VAL C 34 1.83 -10.55 -26.01
C VAL C 34 0.75 -11.47 -26.57
N VAL C 35 -0.08 -12.09 -25.72
CA VAL C 35 -1.06 -13.07 -26.21
C VAL C 35 -2.49 -12.62 -25.96
N CYS C 36 -3.33 -12.83 -26.97
CA CYS C 36 -4.70 -12.31 -26.95
C CYS C 36 -5.67 -13.38 -27.36
N ALA C 37 -6.75 -13.51 -26.62
CA ALA C 37 -7.79 -14.48 -26.92
C ALA C 37 -8.81 -13.82 -27.82
N THR C 38 -9.10 -14.46 -28.95
CA THR C 38 -10.15 -14.00 -29.85
C THR C 38 -11.06 -15.16 -30.31
N LEU C 39 -12.35 -14.85 -30.50
CA LEU C 39 -13.31 -15.68 -31.23
C LEU C 39 -13.31 -15.38 -32.73
N ARG C 40 -12.55 -14.40 -33.18
CA ARG C 40 -12.61 -13.92 -34.56
C ARG C 40 -11.23 -13.92 -35.24
N PRO C 41 -10.63 -15.09 -35.39
CA PRO C 41 -9.32 -15.16 -36.02
C PRO C 41 -9.29 -14.72 -37.48
N GLU C 42 -10.43 -14.74 -38.17
CA GLU C 42 -10.51 -14.25 -39.56
C GLU C 42 -10.18 -12.76 -39.73
N THR C 43 -10.28 -11.98 -38.64
CA THR C 43 -10.10 -10.53 -38.65
C THR C 43 -8.66 -10.07 -38.49
N MET C 44 -7.71 -10.98 -38.31
CA MET C 44 -6.33 -10.58 -38.01
C MET C 44 -5.65 -9.76 -39.13
N TYR C 45 -6.21 -9.75 -40.34
CA TYR C 45 -5.67 -8.91 -41.42
C TYR C 45 -5.95 -7.43 -41.15
N GLY C 46 -6.89 -7.12 -40.27
CA GLY C 46 -7.22 -5.75 -39.94
C GLY C 46 -6.71 -5.21 -38.61
N GLN C 47 -5.68 -5.84 -38.04
CA GLN C 47 -5.12 -5.36 -36.78
C GLN C 47 -4.40 -4.02 -36.96
N THR C 48 -4.85 -3.02 -36.22
CA THR C 48 -4.24 -1.67 -36.22
C THR C 48 -3.36 -1.38 -35.00
N ASN C 49 -3.68 -2.04 -33.90
CA ASN C 49 -2.97 -1.87 -32.66
C ASN C 49 -3.35 -3.03 -31.73
N CYS C 50 -2.79 -3.02 -30.53
CA CYS C 50 -3.14 -3.95 -29.48
C CYS C 50 -3.68 -3.12 -28.33
N TRP C 51 -4.57 -3.72 -27.53
CA TRP C 51 -5.21 -3.06 -26.40
C TRP C 51 -4.80 -3.69 -25.05
N ILE C 52 -4.53 -2.84 -24.05
CA ILE C 52 -4.23 -3.32 -22.69
C ILE C 52 -4.88 -2.41 -21.66
N LEU C 53 -5.20 -2.95 -20.48
CA LEU C 53 -5.82 -2.17 -19.39
C LEU C 53 -4.69 -1.50 -18.62
N PRO C 54 -4.66 -0.14 -18.57
CA PRO C 54 -3.49 0.51 -17.97
C PRO C 54 -3.25 0.10 -16.50
N ASP C 55 -4.34 -0.01 -15.74
CA ASP C 55 -4.34 -0.43 -14.33
C ASP C 55 -4.24 -1.93 -14.08
N GLY C 56 -4.42 -2.75 -15.11
CA GLY C 56 -4.35 -4.18 -14.95
C GLY C 56 -2.93 -4.64 -14.64
N GLU C 57 -2.83 -5.75 -13.91
CA GLU C 57 -1.56 -6.40 -13.62
C GLU C 57 -1.40 -7.67 -14.47
N TYR C 58 -0.26 -7.75 -15.16
CA TYR C 58 0.04 -8.83 -16.07
C TYR C 58 1.34 -9.48 -15.63
N ASP C 59 1.46 -10.78 -15.89
CA ASP C 59 2.66 -11.52 -15.63
C ASP C 59 3.42 -11.72 -16.93
N LEU C 60 4.74 -11.83 -16.83
CA LEU C 60 5.55 -12.42 -17.89
C LEU C 60 5.75 -13.88 -17.49
N VAL C 61 5.22 -14.78 -18.30
CA VAL C 61 5.10 -16.20 -17.93
C VAL C 61 5.96 -17.03 -18.87
N LEU C 62 6.81 -17.88 -18.31
CA LEU C 62 7.61 -18.81 -19.13
C LEU C 62 6.64 -19.85 -19.74
N ALA C 63 6.82 -20.17 -21.02
CA ALA C 63 5.92 -21.05 -21.76
C ALA C 63 6.69 -22.12 -22.52
N PHE C 64 5.97 -23.17 -22.91
CA PHE C 64 6.55 -24.25 -23.71
C PHE C 64 6.86 -23.74 -25.12
N ASP C 65 7.98 -24.18 -25.67
CA ASP C 65 8.29 -23.89 -27.07
C ASP C 65 7.38 -24.66 -28.02
N GLN C 66 6.90 -25.85 -27.60
CA GLN C 66 5.91 -26.66 -28.35
C GLN C 66 4.79 -27.16 -27.42
N VAL C 67 3.55 -27.00 -27.85
CA VAL C 67 2.36 -27.51 -27.19
C VAL C 67 2.01 -28.90 -27.80
N ILE C 68 1.08 -29.65 -27.18
CA ILE C 68 0.43 -30.84 -27.82
C ILE C 68 -0.72 -30.36 -28.72
N PRO C 69 -0.54 -30.37 -30.07
CA PRO C 69 -1.29 -29.59 -31.08
C PRO C 69 -2.62 -28.92 -30.68
N THR C 74 -13.34 -33.55 -29.11
CA THR C 74 -13.16 -34.55 -28.06
C THR C 74 -13.18 -33.91 -26.68
N SER C 75 -13.42 -34.74 -25.66
CA SER C 75 -13.12 -34.37 -24.27
C SER C 75 -12.71 -35.62 -23.46
N ASP C 76 -11.57 -36.18 -23.87
CA ASP C 76 -10.72 -36.99 -22.99
C ASP C 76 -10.19 -36.00 -21.95
N GLY C 77 -9.14 -36.37 -21.23
CA GLY C 77 -8.41 -35.38 -20.47
C GLY C 77 -7.62 -34.44 -21.36
N VAL C 78 -7.03 -33.43 -20.74
CA VAL C 78 -5.96 -32.65 -21.38
C VAL C 78 -4.74 -32.77 -20.49
N LEU C 79 -3.59 -32.95 -21.12
CA LEU C 79 -2.34 -33.13 -20.41
C LEU C 79 -1.72 -31.79 -19.98
N CYS C 80 -0.91 -31.85 -18.92
CA CYS C 80 -0.19 -30.71 -18.34
C CYS C 80 1.11 -31.27 -17.84
N LYS C 81 2.17 -30.47 -17.82
CA LYS C 81 3.49 -30.95 -17.41
C LYS C 81 3.92 -30.17 -16.17
N ILE C 82 4.35 -30.91 -15.13
CA ILE C 82 4.78 -30.36 -13.85
C ILE C 82 6.24 -30.71 -13.65
N PHE C 83 7.00 -29.74 -13.15
CA PHE C 83 8.44 -29.88 -12.97
C PHE C 83 8.77 -29.64 -11.50
N ASP C 84 9.95 -30.07 -11.12
CA ASP C 84 10.39 -29.96 -9.75
C ASP C 84 10.79 -28.51 -9.45
N LYS C 85 11.64 -27.95 -10.30
CA LYS C 85 12.11 -26.57 -10.15
C LYS C 85 12.16 -25.83 -11.49
N TYR C 86 12.19 -24.50 -11.41
CA TYR C 86 12.38 -23.60 -12.56
C TYR C 86 13.44 -24.13 -13.55
N GLU C 87 14.57 -24.55 -13.01
CA GLU C 87 15.75 -24.94 -13.82
C GLU C 87 15.45 -26.10 -14.76
N ASP C 88 14.55 -27.00 -14.35
CA ASP C 88 14.23 -28.18 -15.16
C ASP C 88 13.43 -27.85 -16.43
N THR C 89 12.72 -26.72 -16.43
CA THR C 89 11.87 -26.33 -17.56
C THR C 89 12.68 -25.83 -18.77
N MET C 90 13.94 -25.46 -18.57
CA MET C 90 14.68 -24.66 -19.54
C MET C 90 15.04 -25.31 -20.87
N LYS C 91 15.06 -26.63 -20.95
CA LYS C 91 15.25 -27.29 -22.24
C LYS C 91 14.00 -27.17 -23.12
N GLU C 92 12.83 -27.30 -22.50
CA GLU C 92 11.54 -27.24 -23.21
C GLU C 92 10.93 -25.83 -23.34
N CYS C 93 11.39 -24.88 -22.53
CA CYS C 93 10.76 -23.56 -22.39
C CYS C 93 11.74 -22.40 -22.55
N ASN C 94 11.61 -21.68 -23.66
CA ASN C 94 12.45 -20.51 -24.00
C ASN C 94 11.62 -19.36 -24.56
N THR C 95 10.36 -19.34 -24.15
CA THR C 95 9.35 -18.47 -24.71
C THR C 95 8.61 -17.86 -23.55
N VAL C 96 8.24 -16.59 -23.72
CA VAL C 96 7.56 -15.83 -22.68
C VAL C 96 6.28 -15.28 -23.29
N TYR C 97 5.20 -15.33 -22.50
CA TYR C 97 3.94 -14.73 -22.84
C TYR C 97 3.64 -13.70 -21.80
N ILE C 98 3.15 -12.54 -22.23
CA ILE C 98 2.58 -11.56 -21.34
C ILE C 98 1.09 -11.76 -21.37
N CYS C 99 0.50 -11.90 -20.19
CA CYS C 99 -0.92 -12.23 -20.03
C CYS C 99 -1.32 -12.14 -18.56
N SER C 100 -2.61 -12.14 -18.27
CA SER C 100 -3.07 -12.16 -16.88
C SER C 100 -2.63 -13.45 -16.19
N GLU C 101 -2.51 -13.38 -14.87
CA GLU C 101 -2.14 -14.55 -14.07
C GLU C 101 -3.23 -15.64 -14.19
N ARG C 102 -4.48 -15.20 -14.04
CA ARG C 102 -5.65 -16.04 -14.26
C ARG C 102 -5.53 -16.85 -15.55
N SER C 103 -5.28 -16.14 -16.66
CA SER C 103 -5.16 -16.77 -17.97
C SER C 103 -3.95 -17.70 -18.06
N ALA C 104 -2.85 -17.35 -17.41
CA ALA C 104 -1.68 -18.22 -17.40
C ALA C 104 -1.94 -19.57 -16.68
N TYR C 105 -2.72 -19.56 -15.59
CA TYR C 105 -3.12 -20.81 -14.92
C TYR C 105 -4.00 -21.65 -15.81
N ASN C 106 -4.99 -21.02 -16.45
CA ASN C 106 -5.80 -21.68 -17.49
C ASN C 106 -4.91 -22.30 -18.56
N MET C 107 -3.87 -21.57 -18.98
CA MET C 107 -2.89 -22.12 -19.95
C MET C 107 -2.10 -23.31 -19.40
N ALA C 108 -1.72 -23.23 -18.12
CA ALA C 108 -0.98 -24.31 -17.46
C ALA C 108 -1.80 -25.59 -17.41
N TYR C 109 -3.09 -25.45 -17.10
CA TYR C 109 -3.99 -26.60 -17.00
C TYR C 109 -4.56 -27.08 -18.35
N GLN C 110 -3.94 -26.66 -19.46
CA GLN C 110 -4.14 -27.30 -20.74
C GLN C 110 -2.85 -27.45 -21.53
N GLY C 111 -1.71 -27.49 -20.85
CA GLY C 111 -0.44 -27.83 -21.50
C GLY C 111 0.26 -26.73 -22.28
N ILE C 112 -0.12 -25.48 -22.08
CA ILE C 112 0.45 -24.36 -22.87
C ILE C 112 1.71 -23.79 -22.20
N VAL C 113 1.68 -23.68 -20.86
CA VAL C 113 2.85 -23.29 -20.04
C VAL C 113 3.14 -24.33 -18.95
N PRO C 114 4.41 -24.45 -18.50
CA PRO C 114 4.72 -25.42 -17.46
C PRO C 114 4.24 -25.01 -16.06
N LEU C 115 4.06 -26.01 -15.20
CA LEU C 115 3.87 -25.80 -13.75
C LEU C 115 5.10 -26.27 -12.97
N ILE C 116 5.31 -25.71 -11.78
CA ILE C 116 6.34 -26.19 -10.86
C ILE C 116 5.72 -26.56 -9.50
N HIS C 117 6.23 -27.64 -8.92
CA HIS C 117 5.75 -28.22 -7.64
C HIS C 117 6.93 -28.83 -6.89
N LEU C 128 -0.11 -25.77 -3.58
CA LEU C 128 -0.59 -25.80 -4.96
C LEU C 128 0.56 -25.52 -5.94
N PRO C 129 0.56 -26.20 -7.12
CA PRO C 129 1.63 -25.92 -8.10
C PRO C 129 1.50 -24.53 -8.72
N ARG C 130 2.64 -23.99 -9.16
CA ARG C 130 2.76 -22.59 -9.56
C ARG C 130 3.12 -22.47 -11.04
N ILE C 131 2.67 -21.39 -11.68
CA ILE C 131 3.25 -20.97 -12.96
C ILE C 131 4.69 -20.48 -12.75
N VAL C 132 5.48 -20.52 -13.82
CA VAL C 132 6.80 -19.92 -13.81
C VAL C 132 6.63 -18.44 -14.19
N SER C 133 6.27 -17.63 -13.20
CA SER C 133 6.12 -16.18 -13.40
C SER C 133 7.49 -15.48 -13.30
N LEU C 134 7.96 -14.93 -14.41
CA LEU C 134 9.23 -14.22 -14.44
C LEU C 134 9.16 -12.79 -13.89
N GLY C 135 7.96 -12.30 -13.59
CA GLY C 135 7.78 -10.94 -13.09
C GLY C 135 6.39 -10.40 -13.38
N LYS C 136 6.06 -9.25 -12.81
CA LYS C 136 4.78 -8.60 -13.01
C LYS C 136 4.96 -7.16 -13.51
N VAL C 137 3.92 -6.67 -14.18
CA VAL C 137 3.96 -5.39 -14.87
C VAL C 137 2.54 -4.86 -14.98
N TYR C 138 2.40 -3.54 -14.89
CA TYR C 138 1.12 -2.90 -15.14
C TYR C 138 0.96 -2.65 -16.64
N GLY C 139 -0.28 -2.72 -17.13
CA GLY C 139 -0.55 -2.51 -18.56
C GLY C 139 0.05 -1.21 -19.07
N GLU C 140 -0.15 -0.15 -18.29
CA GLU C 140 0.42 1.17 -18.55
C GLU C 140 1.88 1.13 -18.99
N GLN C 141 2.65 0.27 -18.34
CA GLN C 141 4.09 0.20 -18.60
C GLN C 141 4.43 -0.42 -19.95
N LEU C 142 3.46 -1.05 -20.61
CA LEU C 142 3.69 -1.63 -21.93
C LEU C 142 3.13 -0.77 -23.08
N ILE C 143 2.41 0.31 -22.76
CA ILE C 143 1.84 1.20 -23.78
C ILE C 143 3.01 1.69 -24.66
N GLY C 144 2.83 1.63 -25.97
CA GLY C 144 3.92 2.00 -26.89
C GLY C 144 4.86 0.88 -27.34
N THR C 145 4.70 -0.32 -26.78
CA THR C 145 5.54 -1.45 -27.19
C THR C 145 5.23 -1.81 -28.65
N PRO C 146 6.26 -1.94 -29.50
CA PRO C 146 6.04 -2.29 -30.89
C PRO C 146 5.92 -3.79 -31.08
N LEU C 147 4.93 -4.20 -31.88
CA LEU C 147 4.58 -5.61 -32.04
C LEU C 147 4.58 -6.02 -33.50
N SER C 148 5.10 -7.21 -33.77
CA SER C 148 4.97 -7.84 -35.08
C SER C 148 3.81 -8.83 -34.97
N ALA C 149 2.66 -8.43 -35.51
CA ALA C 149 1.42 -9.17 -35.39
C ALA C 149 1.14 -9.93 -36.68
N PRO C 150 0.64 -11.16 -36.60
CA PRO C 150 0.41 -11.93 -37.85
C PRO C 150 -0.73 -11.36 -38.69
N MET C 151 -0.66 -11.61 -39.98
CA MET C 151 -1.74 -11.35 -40.96
C MET C 151 -1.93 -9.87 -41.33
N THR C 152 -1.78 -8.94 -40.37
CA THR C 152 -1.93 -7.51 -40.66
C THR C 152 -0.77 -7.05 -41.50
N PRO C 153 -1.04 -6.24 -42.51
CA PRO C 153 0.04 -5.73 -43.33
C PRO C 153 0.87 -4.64 -42.63
N TYR C 154 0.37 -4.07 -41.54
CA TYR C 154 1.18 -3.12 -40.77
C TYR C 154 2.36 -3.88 -40.19
N SER C 155 3.56 -3.45 -40.52
CA SER C 155 4.80 -4.09 -40.09
C SER C 155 5.01 -3.99 -38.57
N LEU C 156 4.64 -2.83 -37.99
CA LEU C 156 4.59 -2.68 -36.55
C LEU C 156 3.24 -2.12 -36.13
N ILE C 157 2.65 -2.71 -35.08
CA ILE C 157 1.53 -2.11 -34.38
C ILE C 157 1.91 -1.97 -32.91
N PHE C 158 1.15 -1.18 -32.17
CA PHE C 158 1.56 -0.72 -30.83
C PHE C 158 0.50 -0.96 -29.77
N ILE C 159 0.95 -1.14 -28.54
CA ILE C 159 0.03 -1.38 -27.44
C ILE C 159 -0.56 -0.04 -27.03
N LEU C 160 -1.88 0.02 -26.92
CA LEU C 160 -2.58 1.22 -26.51
C LEU C 160 -3.55 0.91 -25.36
N PRO C 161 -3.97 1.94 -24.61
CA PRO C 161 -4.87 1.72 -23.50
C PRO C 161 -6.35 1.56 -23.92
N MET C 162 -7.00 0.59 -23.31
CA MET C 162 -8.45 0.41 -23.42
C MET C 162 -8.99 0.18 -22.01
N PHE C 163 -10.00 0.96 -21.65
CA PHE C 163 -10.51 1.03 -20.27
C PHE C 163 -11.64 0.06 -19.99
N SER C 164 -12.27 -0.47 -21.05
CA SER C 164 -13.36 -1.41 -20.93
C SER C 164 -12.89 -2.85 -20.81
N ILE C 165 -11.58 -3.10 -20.86
CA ILE C 165 -11.08 -4.46 -20.70
C ILE C 165 -11.43 -5.00 -19.32
N SER C 166 -11.88 -6.25 -19.28
CA SER C 166 -12.09 -7.01 -18.04
C SER C 166 -10.88 -7.92 -17.79
N MET C 167 -10.34 -7.88 -16.58
CA MET C 167 -9.25 -8.79 -16.22
C MET C 167 -9.72 -10.22 -15.96
N GLU C 168 -11.04 -10.40 -15.77
CA GLU C 168 -11.62 -11.72 -15.52
C GLU C 168 -11.80 -12.56 -16.78
N LYS C 169 -11.75 -11.91 -17.96
CA LYS C 169 -11.98 -12.53 -19.25
C LYS C 169 -10.67 -12.60 -20.04
N GLY C 170 -10.49 -13.68 -20.79
CA GLY C 170 -9.30 -13.88 -21.65
C GLY C 170 -7.97 -13.64 -20.97
N THR C 171 -7.04 -12.94 -21.64
CA THR C 171 -5.70 -12.66 -21.11
C THR C 171 -5.58 -11.26 -20.51
N GLY C 172 -6.65 -10.48 -20.64
CA GLY C 172 -6.64 -9.08 -20.28
C GLY C 172 -5.98 -8.20 -21.34
N ILE C 173 -5.55 -8.82 -22.46
CA ILE C 173 -4.90 -8.12 -23.58
C ILE C 173 -5.62 -8.52 -24.89
N VAL C 174 -6.09 -7.54 -25.65
CA VAL C 174 -6.96 -7.84 -26.80
C VAL C 174 -6.48 -7.20 -28.09
N THR C 175 -6.80 -7.86 -29.18
CA THR C 175 -6.48 -7.36 -30.51
C THR C 175 -7.38 -6.17 -30.81
N SER C 176 -6.96 -5.35 -31.78
CA SER C 176 -7.77 -4.22 -32.23
C SER C 176 -8.00 -4.28 -33.73
N VAL C 177 -9.27 -4.46 -34.12
CA VAL C 177 -9.65 -4.49 -35.52
C VAL C 177 -10.82 -3.53 -35.64
N PRO C 178 -10.52 -2.22 -35.65
CA PRO C 178 -11.57 -1.20 -35.58
C PRO C 178 -12.51 -1.14 -36.81
N SER C 179 -12.11 -1.71 -37.94
CA SER C 179 -13.00 -1.85 -39.10
C SER C 179 -14.21 -2.74 -38.80
N ASP C 180 -14.01 -3.76 -37.95
CA ASP C 180 -15.01 -4.81 -37.74
C ASP C 180 -15.30 -5.16 -36.27
N SER C 181 -14.78 -4.38 -35.32
CA SER C 181 -15.17 -4.48 -33.92
C SER C 181 -15.64 -3.11 -33.45
N PRO C 182 -16.92 -2.99 -33.02
CA PRO C 182 -17.40 -1.72 -32.47
C PRO C 182 -16.65 -1.24 -31.22
N ASP C 183 -16.29 -2.16 -30.33
CA ASP C 183 -15.44 -1.83 -29.16
C ASP C 183 -14.14 -1.16 -29.59
N ASP C 184 -13.48 -1.80 -30.56
CA ASP C 184 -12.19 -1.32 -31.05
C ASP C 184 -12.31 0.03 -31.76
N TYR C 185 -13.36 0.21 -32.56
CA TYR C 185 -13.60 1.48 -33.23
C TYR C 185 -13.77 2.59 -32.21
N ALA C 186 -14.60 2.34 -31.21
CA ALA C 186 -14.94 3.32 -30.20
C ALA C 186 -13.75 3.69 -29.34
N ALA C 187 -12.98 2.69 -28.94
CA ALA C 187 -11.81 2.91 -28.11
C ALA C 187 -10.73 3.66 -28.90
N LEU C 188 -10.60 3.33 -30.19
CA LEU C 188 -9.64 4.03 -31.04
C LEU C 188 -10.09 5.47 -31.30
N ARG C 189 -11.39 5.68 -31.50
CA ARG C 189 -11.94 7.03 -31.70
C ARG C 189 -11.71 7.91 -30.47
N ASP C 190 -11.99 7.36 -29.29
CA ASP C 190 -11.68 8.03 -28.02
C ASP C 190 -10.25 8.56 -28.00
N ILE C 191 -9.29 7.71 -28.35
CA ILE C 191 -7.88 8.12 -28.36
C ILE C 191 -7.66 9.25 -29.35
N LYS C 192 -8.26 9.14 -30.53
CA LYS C 192 -8.14 10.15 -31.57
C LYS C 192 -8.81 11.47 -31.27
N THR C 193 -9.82 11.49 -30.40
CA THR C 193 -10.62 12.70 -30.13
C THR C 193 -10.33 13.35 -28.78
N LYS C 194 -9.55 12.70 -27.92
CA LYS C 194 -9.32 13.16 -26.56
C LYS C 194 -7.82 13.40 -26.30
N PRO C 195 -7.33 14.64 -26.55
CA PRO C 195 -5.90 14.95 -26.41
C PRO C 195 -5.34 14.78 -24.99
N LEU C 196 -6.19 14.92 -23.98
CA LEU C 196 -5.75 14.77 -22.58
C LEU C 196 -5.50 13.29 -22.26
N LEU C 197 -6.25 12.41 -22.91
CA LEU C 197 -6.00 10.97 -22.85
C LEU C 197 -4.65 10.60 -23.46
N ARG C 198 -4.32 11.21 -24.59
CA ARG C 198 -3.06 10.95 -25.27
C ARG C 198 -1.88 11.49 -24.47
N GLU C 199 -2.06 12.65 -23.85
CA GLU C 199 -1.02 13.24 -23.01
C GLU C 199 -0.76 12.38 -21.78
N LYS C 200 -1.81 11.97 -21.08
CA LYS C 200 -1.66 11.13 -19.90
C LYS C 200 -0.77 9.91 -20.15
N TYR C 201 -1.01 9.23 -21.26
CA TYR C 201 -0.26 8.01 -21.60
C TYR C 201 0.84 8.23 -22.66
N SER C 202 1.22 9.49 -22.90
CA SER C 202 2.25 9.85 -23.88
C SER C 202 2.11 9.04 -25.18
N ILE C 203 0.91 9.07 -25.75
CA ILE C 203 0.63 8.30 -26.95
C ILE C 203 1.13 9.09 -28.15
N LYS C 204 2.04 8.50 -28.91
CA LYS C 204 2.55 9.11 -30.15
C LYS C 204 1.58 8.95 -31.33
N ASP C 205 1.53 9.95 -32.21
CA ASP C 205 0.68 9.90 -33.39
C ASP C 205 0.97 8.66 -34.26
N GLU C 206 2.24 8.31 -34.42
CA GLU C 206 2.64 7.17 -35.24
C GLU C 206 2.16 5.80 -34.71
N TRP C 207 1.63 5.76 -33.48
CA TRP C 207 1.01 4.55 -32.90
C TRP C 207 -0.48 4.41 -33.22
N ILE C 208 -1.10 5.49 -33.69
CA ILE C 208 -2.52 5.53 -33.97
C ILE C 208 -2.65 5.26 -35.46
N LEU C 209 -2.97 4.01 -35.80
CA LEU C 209 -3.00 3.58 -37.19
C LEU C 209 -4.45 3.49 -37.67
N ASP C 210 -4.62 3.67 -38.97
CA ASP C 210 -5.96 3.69 -39.59
C ASP C 210 -6.59 2.28 -39.73
N PRO C 211 -7.93 2.18 -39.57
CA PRO C 211 -8.65 0.95 -39.87
C PRO C 211 -8.36 0.45 -41.26
N LEU C 212 -8.30 -0.87 -41.40
CA LEU C 212 -8.02 -1.53 -42.66
C LEU C 212 -9.26 -2.24 -43.17
N GLU C 213 -9.54 -2.07 -44.47
CA GLU C 213 -10.67 -2.74 -45.13
C GLU C 213 -10.26 -4.17 -45.32
N ILE C 214 -10.99 -5.08 -44.69
CA ILE C 214 -10.72 -6.53 -44.77
C ILE C 214 -11.93 -7.42 -45.02
N ILE C 215 -13.14 -6.92 -44.73
CA ILE C 215 -14.36 -7.68 -44.83
C ILE C 215 -15.42 -6.77 -45.49
N GLU C 216 -15.96 -7.20 -46.63
CA GLU C 216 -17.08 -6.52 -47.28
C GLU C 216 -18.42 -7.14 -46.86
N VAL C 217 -19.31 -6.33 -46.29
CA VAL C 217 -20.63 -6.75 -45.85
C VAL C 217 -21.69 -6.02 -46.69
N PRO C 218 -22.39 -6.74 -47.59
CA PRO C 218 -23.37 -6.12 -48.48
C PRO C 218 -24.37 -5.22 -47.76
N GLY C 219 -24.53 -3.99 -48.24
CA GLY C 219 -25.38 -3.01 -47.58
C GLY C 219 -24.72 -2.19 -46.49
N PHE C 220 -23.55 -2.59 -46.02
CA PHE C 220 -22.76 -1.82 -45.02
C PHE C 220 -21.43 -1.33 -45.58
N GLY C 221 -20.71 -2.20 -46.28
CA GLY C 221 -19.46 -1.83 -46.94
C GLY C 221 -18.27 -2.44 -46.23
N PHE C 222 -17.19 -1.67 -46.07
CA PHE C 222 -15.94 -2.18 -45.49
C PHE C 222 -15.66 -1.68 -44.05
N MET C 223 -16.53 -0.84 -43.48
CA MET C 223 -16.35 -0.29 -42.12
C MET C 223 -17.65 -0.46 -41.32
N THR C 224 -18.07 -1.71 -41.22
CA THR C 224 -19.32 -2.06 -40.58
C THR C 224 -19.35 -1.65 -39.11
N ALA C 225 -18.20 -1.68 -38.44
CA ALA C 225 -18.13 -1.31 -37.02
C ALA C 225 -18.48 0.16 -36.82
N GLU C 226 -17.89 1.04 -37.62
CA GLU C 226 -18.24 2.46 -37.59
C GLU C 226 -19.74 2.66 -37.78
N LEU C 227 -20.31 2.01 -38.80
CA LEU C 227 -21.73 2.17 -39.10
C LEU C 227 -22.62 1.63 -37.98
N LEU C 228 -22.24 0.52 -37.36
CA LEU C 228 -22.99 0.00 -36.21
C LEU C 228 -22.86 0.87 -34.94
N CYS C 229 -21.74 1.56 -34.77
CA CYS C 229 -21.59 2.53 -33.67
C CYS C 229 -22.51 3.73 -33.84
N ASN C 230 -22.62 4.24 -35.07
CA ASN C 230 -23.55 5.32 -35.42
C ASN C 230 -24.99 4.85 -35.23
N GLN C 231 -25.33 3.73 -35.87
CA GLN C 231 -26.67 3.15 -35.80
C GLN C 231 -27.14 2.92 -34.35
N TYR C 232 -26.23 2.51 -33.47
CA TYR C 232 -26.55 2.32 -32.05
C TYR C 232 -26.28 3.56 -31.21
N LYS C 233 -25.97 4.69 -31.83
CA LYS C 233 -25.53 5.91 -31.15
C LYS C 233 -24.58 5.65 -29.95
N ILE C 234 -23.43 5.06 -30.28
CA ILE C 234 -22.36 4.78 -29.32
C ILE C 234 -21.42 5.98 -29.31
N GLN C 235 -21.27 6.65 -28.16
CA GLN C 235 -20.46 7.87 -28.04
C GLN C 235 -19.05 7.66 -27.48
N SER C 236 -18.88 6.65 -26.62
CA SER C 236 -17.56 6.31 -26.11
C SER C 236 -17.45 4.80 -25.92
N GLN C 237 -16.24 4.35 -25.64
CA GLN C 237 -15.96 2.94 -25.36
C GLN C 237 -16.61 2.43 -24.08
N ASN C 238 -17.14 3.33 -23.25
CA ASN C 238 -17.80 2.97 -21.98
C ASN C 238 -19.31 2.69 -22.08
N ASP C 239 -19.91 2.89 -23.27
CA ASP C 239 -21.32 2.57 -23.51
C ASP C 239 -21.53 1.04 -23.64
N SER C 240 -21.36 0.32 -22.54
CA SER C 240 -21.20 -1.13 -22.58
C SER C 240 -22.46 -1.89 -23.00
N ALA C 241 -23.63 -1.35 -22.69
CA ALA C 241 -24.89 -2.01 -23.03
C ALA C 241 -25.08 -2.00 -24.53
N LYS C 242 -24.95 -0.81 -25.13
CA LYS C 242 -25.03 -0.65 -26.57
C LYS C 242 -23.92 -1.41 -27.32
N LEU C 243 -22.70 -1.36 -26.78
CA LEU C 243 -21.56 -2.03 -27.41
C LEU C 243 -21.75 -3.54 -27.46
N LYS C 244 -22.32 -4.11 -26.39
CA LYS C 244 -22.67 -5.53 -26.36
C LYS C 244 -23.70 -5.89 -27.43
N GLN C 245 -24.68 -5.02 -27.65
CA GLN C 245 -25.67 -5.23 -28.71
C GLN C 245 -25.00 -5.10 -30.08
N ALA C 246 -24.21 -4.04 -30.25
CA ALA C 246 -23.43 -3.83 -31.49
C ALA C 246 -22.53 -5.03 -31.80
N LYS C 247 -21.81 -5.50 -30.80
CA LYS C 247 -20.90 -6.62 -30.94
C LYS C 247 -21.61 -7.90 -31.34
N GLU C 248 -22.72 -8.22 -30.66
CA GLU C 248 -23.52 -9.40 -30.99
C GLU C 248 -24.06 -9.34 -32.41
N GLU C 249 -24.60 -8.18 -32.81
CA GLU C 249 -25.15 -8.02 -34.17
C GLU C 249 -24.07 -8.22 -35.25
N ILE C 250 -22.93 -7.55 -35.10
CA ILE C 250 -21.89 -7.59 -36.13
C ILE C 250 -21.34 -9.01 -36.28
N TYR C 251 -21.32 -9.77 -35.18
CA TYR C 251 -20.86 -11.16 -35.22
C TYR C 251 -21.73 -12.02 -36.14
N LYS C 252 -23.05 -11.98 -35.90
CA LYS C 252 -24.01 -12.79 -36.66
C LYS C 252 -24.10 -12.32 -38.10
N LYS C 253 -24.15 -10.99 -38.26
CA LYS C 253 -24.13 -10.36 -39.59
C LYS C 253 -22.95 -10.85 -40.42
N GLU C 254 -21.73 -10.68 -39.88
CA GLU C 254 -20.52 -10.92 -40.65
C GLU C 254 -20.23 -12.41 -40.86
N PHE C 255 -20.63 -13.25 -39.93
CA PHE C 255 -20.31 -14.69 -40.02
C PHE C 255 -20.83 -15.32 -41.33
N TYR C 256 -22.11 -15.07 -41.63
CA TYR C 256 -22.76 -15.57 -42.85
C TYR C 256 -22.70 -14.64 -44.08
N GLU C 257 -22.66 -13.32 -43.87
CA GLU C 257 -22.73 -12.35 -44.97
C GLU C 257 -21.42 -11.62 -45.29
N GLY C 258 -20.42 -11.67 -44.39
CA GLY C 258 -19.16 -10.96 -44.57
C GLY C 258 -18.27 -11.70 -45.54
N ILE C 259 -17.76 -11.01 -46.56
CA ILE C 259 -16.79 -11.60 -47.49
C ILE C 259 -15.41 -11.04 -47.21
N LEU C 260 -14.45 -11.94 -47.03
CA LEU C 260 -13.05 -11.57 -46.86
C LEU C 260 -12.48 -10.95 -48.13
N ILE C 261 -11.82 -9.80 -48.00
CA ILE C 261 -11.17 -9.14 -49.12
C ILE C 261 -9.66 -9.08 -48.99
N ARG C 262 -9.11 -9.75 -47.99
CA ARG C 262 -7.67 -9.85 -47.84
C ARG C 262 -7.27 -11.26 -47.43
N GLY C 263 -6.05 -11.63 -47.79
CA GLY C 263 -5.51 -12.93 -47.46
C GLY C 263 -5.83 -13.97 -48.51
N LYS C 264 -5.38 -15.18 -48.21
CA LYS C 264 -5.48 -16.32 -49.11
C LYS C 264 -6.92 -16.75 -49.41
N TYR C 265 -7.86 -16.45 -48.51
CA TYR C 265 -9.27 -16.83 -48.64
C TYR C 265 -10.13 -15.64 -49.05
N SER C 266 -9.50 -14.67 -49.73
CA SER C 266 -10.22 -13.55 -50.33
C SER C 266 -11.28 -14.07 -51.28
N GLY C 267 -12.48 -13.51 -51.17
CA GLY C 267 -13.62 -13.94 -51.96
C GLY C 267 -14.61 -14.78 -51.17
N MET C 268 -14.13 -15.50 -50.15
CA MET C 268 -14.97 -16.45 -49.42
C MET C 268 -15.74 -15.79 -48.31
N LYS C 269 -16.91 -16.36 -48.00
CA LYS C 269 -17.68 -15.99 -46.81
C LYS C 269 -16.90 -16.41 -45.57
N ILE C 270 -17.04 -15.64 -44.50
CA ILE C 270 -16.30 -15.88 -43.25
C ILE C 270 -16.62 -17.31 -42.75
N CYS C 271 -17.90 -17.66 -42.74
CA CYS C 271 -18.31 -18.99 -42.25
C CYS C 271 -17.63 -20.14 -42.99
N ASP C 272 -17.32 -19.98 -44.29
CA ASP C 272 -16.62 -21.02 -45.06
C ASP C 272 -15.11 -20.99 -44.91
N ALA C 273 -14.55 -19.85 -44.51
CA ALA C 273 -13.09 -19.68 -44.40
C ALA C 273 -12.55 -19.72 -42.97
N LYS C 274 -13.39 -19.46 -41.98
CA LYS C 274 -12.93 -19.21 -40.62
C LYS C 274 -12.04 -20.30 -40.06
N GLU C 275 -12.41 -21.57 -40.25
CA GLU C 275 -11.64 -22.69 -39.67
C GLU C 275 -10.33 -22.93 -40.39
N LEU C 276 -10.33 -22.75 -41.71
CA LEU C 276 -9.11 -22.83 -42.50
C LEU C 276 -8.09 -21.79 -42.04
N ILE C 277 -8.58 -20.59 -41.75
CA ILE C 277 -7.72 -19.54 -41.27
C ILE C 277 -7.14 -19.93 -39.90
N ARG C 278 -8.00 -20.35 -39.00
CA ARG C 278 -7.60 -20.81 -37.66
C ARG C 278 -6.53 -21.90 -37.71
N GLU C 279 -6.77 -22.93 -38.51
CA GLU C 279 -5.81 -24.03 -38.72
C GLU C 279 -4.47 -23.53 -39.25
N SER C 280 -4.52 -22.63 -40.24
CA SER C 280 -3.32 -22.04 -40.83
C SER C 280 -2.47 -21.28 -39.78
N LEU C 281 -3.13 -20.41 -39.01
CA LEU C 281 -2.46 -19.69 -37.91
C LEU C 281 -1.78 -20.64 -36.91
N ILE C 282 -2.47 -21.72 -36.53
CA ILE C 282 -1.93 -22.71 -35.58
C ILE C 282 -0.73 -23.45 -36.17
N LYS C 283 -0.87 -23.98 -37.38
CA LYS C 283 0.23 -24.68 -38.04
C LYS C 283 1.46 -23.79 -38.24
N ASP C 284 1.23 -22.54 -38.62
CA ASP C 284 2.34 -21.59 -38.78
C ASP C 284 2.98 -21.11 -37.47
N GLY C 285 2.38 -21.39 -36.32
CA GLY C 285 2.91 -21.00 -35.01
C GLY C 285 2.50 -19.61 -34.55
N TYR C 286 1.51 -19.02 -35.21
CA TYR C 286 1.02 -17.67 -34.87
C TYR C 286 -0.10 -17.68 -33.84
N ALA C 287 -0.70 -18.85 -33.62
CA ALA C 287 -1.77 -19.00 -32.66
C ALA C 287 -1.80 -20.40 -32.03
N LEU C 288 -2.54 -20.50 -30.93
CA LEU C 288 -2.78 -21.73 -30.20
C LEU C 288 -4.27 -21.85 -29.93
N ILE C 289 -4.72 -23.06 -29.63
CA ILE C 289 -6.09 -23.27 -29.19
C ILE C 289 -6.09 -22.98 -27.70
N TYR C 290 -7.15 -22.38 -27.20
CA TYR C 290 -7.20 -21.92 -25.80
C TYR C 290 -8.64 -21.97 -25.28
N LEU C 291 -8.86 -22.79 -24.26
CA LEU C 291 -10.17 -22.99 -23.65
C LEU C 291 -10.27 -22.22 -22.32
N GLU C 292 -11.40 -21.54 -22.12
CA GLU C 292 -11.78 -21.02 -20.80
C GLU C 292 -13.29 -20.83 -20.73
N GLY D 5 35.60 -10.84 -21.81
CA GLY D 5 36.00 -10.48 -20.41
C GLY D 5 35.09 -9.44 -19.76
N PRO D 6 35.33 -9.15 -18.48
CA PRO D 6 34.51 -8.17 -17.77
C PRO D 6 34.95 -6.73 -18.09
N GLN D 7 33.98 -5.82 -18.16
CA GLN D 7 34.26 -4.43 -18.47
C GLN D 7 34.58 -3.59 -17.22
N GLU D 8 35.45 -2.61 -17.41
CA GLU D 8 35.98 -1.77 -16.36
C GLU D 8 35.16 -0.46 -16.27
N TYR D 9 34.27 -0.40 -15.29
CA TYR D 9 33.51 0.80 -14.97
C TYR D 9 34.20 1.60 -13.89
N THR D 10 33.74 2.84 -13.73
CA THR D 10 34.10 3.66 -12.59
C THR D 10 32.85 3.75 -11.74
N LEU D 11 32.95 3.35 -10.49
CA LEU D 11 31.82 3.37 -9.58
C LEU D 11 31.84 4.72 -8.86
N ILE D 12 30.89 5.59 -9.16
CA ILE D 12 30.89 6.94 -8.59
C ILE D 12 30.12 6.92 -7.27
N LYS D 13 30.66 7.62 -6.28
CA LYS D 13 30.03 7.75 -4.96
C LYS D 13 29.27 9.07 -4.82
N LEU D 14 27.96 8.99 -4.64
CA LEU D 14 27.13 10.16 -4.43
C LEU D 14 26.69 10.17 -2.97
N LYS D 15 27.28 11.05 -2.17
CA LYS D 15 26.98 11.09 -0.74
C LYS D 15 25.59 11.62 -0.49
N ILE D 16 24.83 10.88 0.33
CA ILE D 16 23.51 11.32 0.74
C ILE D 16 23.66 12.47 1.73
N HIS D 17 23.02 13.60 1.42
CA HIS D 17 23.15 14.83 2.21
C HIS D 17 22.30 14.75 3.48
N LEU D 18 21.08 14.28 3.32
CA LEU D 18 20.16 14.07 4.41
C LEU D 18 19.49 12.71 4.18
N ILE D 19 19.64 11.82 5.17
CA ILE D 19 19.10 10.46 5.07
C ILE D 19 17.59 10.59 5.11
N PRO D 20 16.87 9.85 4.25
CA PRO D 20 15.42 9.76 4.43
C PRO D 20 15.09 9.28 5.83
N GLU D 21 14.03 9.83 6.42
CA GLU D 21 13.71 9.66 7.85
C GLU D 21 13.58 8.19 8.24
N PHE D 22 12.79 7.45 7.47
CA PHE D 22 12.57 6.02 7.73
C PHE D 22 13.84 5.12 7.78
N LEU D 23 14.97 5.60 7.27
CA LEU D 23 16.23 4.84 7.28
C LEU D 23 17.24 5.36 8.32
N GLY D 24 16.86 6.40 9.06
CA GLY D 24 17.80 7.13 9.92
C GLY D 24 18.47 6.31 11.01
N SER D 25 17.70 5.48 11.70
CA SER D 25 18.26 4.60 12.73
C SER D 25 19.18 3.55 12.09
N ILE D 26 18.75 3.02 10.94
CA ILE D 26 19.50 1.98 10.23
C ILE D 26 20.93 2.40 9.87
N VAL D 27 21.13 3.64 9.39
CA VAL D 27 22.47 4.08 8.95
C VAL D 27 23.19 5.04 9.87
N LYS D 28 22.67 5.19 11.09
CA LYS D 28 23.28 6.05 12.13
C LYS D 28 24.77 5.72 12.34
N GLY D 29 25.60 6.76 12.38
CA GLY D 29 27.05 6.59 12.55
C GLY D 29 27.86 6.20 11.31
N ARG D 30 27.22 6.18 10.14
CA ARG D 30 27.88 5.74 8.89
C ARG D 30 27.59 6.70 7.73
N GLU D 31 28.63 6.99 6.93
CA GLU D 31 28.49 7.72 5.67
C GLU D 31 27.76 6.83 4.67
N VAL D 32 26.67 7.35 4.11
CA VAL D 32 25.87 6.60 3.15
C VAL D 32 26.07 7.21 1.76
N PHE D 33 26.27 6.33 0.77
CA PHE D 33 26.39 6.74 -0.63
C PHE D 33 25.43 5.98 -1.51
N VAL D 34 24.82 6.68 -2.46
CA VAL D 34 24.29 6.07 -3.65
C VAL D 34 25.47 5.81 -4.61
N VAL D 35 25.55 4.62 -5.20
CA VAL D 35 26.70 4.30 -6.09
C VAL D 35 26.21 3.99 -7.50
N CYS D 36 26.94 4.51 -8.48
CA CYS D 36 26.54 4.44 -9.88
C CYS D 36 27.71 4.03 -10.75
N ALA D 37 27.49 3.07 -11.63
CA ALA D 37 28.51 2.59 -12.55
C ALA D 37 28.45 3.43 -13.82
N THR D 38 29.60 3.96 -14.23
CA THR D 38 29.68 4.73 -15.48
C THR D 38 30.93 4.34 -16.27
N LEU D 39 30.81 4.37 -17.59
CA LEU D 39 31.98 4.32 -18.45
C LEU D 39 32.53 5.72 -18.72
N ARG D 40 31.89 6.77 -18.18
CA ARG D 40 32.24 8.16 -18.54
C ARG D 40 32.50 9.07 -17.34
N PRO D 41 33.58 8.79 -16.59
CA PRO D 41 33.94 9.60 -15.42
C PRO D 41 34.27 11.06 -15.73
N GLU D 42 34.67 11.35 -16.96
CA GLU D 42 34.96 12.71 -17.43
C GLU D 42 33.73 13.61 -17.50
N THR D 43 32.54 13.04 -17.51
CA THR D 43 31.29 13.79 -17.58
C THR D 43 30.68 14.18 -16.22
N MET D 44 31.33 13.82 -15.11
CA MET D 44 30.75 14.08 -13.79
C MET D 44 30.64 15.58 -13.48
N TYR D 45 31.37 16.42 -14.23
CA TYR D 45 31.19 17.87 -14.19
C TYR D 45 29.76 18.33 -14.55
N GLY D 46 29.02 17.52 -15.29
CA GLY D 46 27.70 17.91 -15.76
C GLY D 46 26.53 17.16 -15.14
N GLN D 47 26.75 16.52 -14.00
CA GLN D 47 25.67 15.85 -13.28
C GLN D 47 24.59 16.81 -12.81
N THR D 48 23.35 16.57 -13.22
CA THR D 48 22.20 17.40 -12.87
C THR D 48 21.27 16.75 -11.84
N ASN D 49 21.27 15.42 -11.79
CA ASN D 49 20.40 14.66 -10.91
C ASN D 49 20.97 13.26 -10.88
N CYS D 50 20.28 12.36 -10.21
CA CYS D 50 20.63 10.95 -10.19
C CYS D 50 19.38 10.21 -10.65
N TRP D 51 19.54 9.01 -11.22
CA TRP D 51 18.37 8.24 -11.73
C TRP D 51 18.17 6.94 -10.94
N ILE D 52 16.92 6.64 -10.60
CA ILE D 52 16.58 5.37 -9.95
C ILE D 52 15.32 4.81 -10.58
N LEU D 53 15.19 3.48 -10.52
CA LEU D 53 13.99 2.78 -10.97
C LEU D 53 12.99 2.74 -9.79
N PRO D 54 11.75 3.27 -9.98
CA PRO D 54 10.75 3.27 -8.88
C PRO D 54 10.43 1.90 -8.28
N ASP D 55 10.12 0.92 -9.16
CA ASP D 55 9.83 -0.48 -8.80
C ASP D 55 11.05 -1.29 -8.36
N GLY D 56 12.25 -0.80 -8.64
CA GLY D 56 13.45 -1.56 -8.35
C GLY D 56 13.64 -1.68 -6.86
N GLU D 57 14.24 -2.79 -6.42
CA GLU D 57 14.54 -3.00 -5.01
C GLU D 57 16.04 -2.95 -4.81
N TYR D 58 16.48 -2.05 -3.92
CA TYR D 58 17.90 -1.78 -3.67
C TYR D 58 18.21 -2.17 -2.23
N ASP D 59 19.46 -2.52 -1.98
CA ASP D 59 19.93 -2.91 -0.65
C ASP D 59 20.78 -1.79 -0.07
N LEU D 60 20.74 -1.64 1.25
CA LEU D 60 21.72 -0.83 1.95
C LEU D 60 22.80 -1.80 2.37
N VAL D 61 24.00 -1.60 1.85
CA VAL D 61 25.03 -2.63 1.91
C VAL D 61 26.22 -2.07 2.65
N LEU D 62 26.69 -2.78 3.67
CA LEU D 62 27.85 -2.32 4.43
C LEU D 62 29.08 -2.48 3.56
N ALA D 63 30.02 -1.54 3.64
CA ALA D 63 31.14 -1.45 2.72
C ALA D 63 32.43 -1.14 3.44
N PHE D 64 33.56 -1.49 2.84
CA PHE D 64 34.86 -1.16 3.39
C PHE D 64 35.10 0.32 3.26
N ASP D 65 35.77 0.90 4.26
CA ASP D 65 36.16 2.30 4.20
C ASP D 65 37.35 2.42 3.25
N GLN D 66 38.21 1.40 3.23
CA GLN D 66 39.42 1.36 2.41
C GLN D 66 39.39 0.13 1.52
N VAL D 67 39.79 0.29 0.26
CA VAL D 67 39.87 -0.81 -0.70
C VAL D 67 41.31 -0.82 -1.27
N ILE D 68 41.74 -1.97 -1.80
CA ILE D 68 43.05 -2.12 -2.49
C ILE D 68 43.02 -1.31 -3.82
N PRO D 69 43.59 -0.07 -3.83
CA PRO D 69 43.27 1.07 -4.71
C PRO D 69 42.19 0.88 -5.81
N THR D 74 46.46 -6.13 -14.87
CA THR D 74 46.81 -7.54 -14.72
C THR D 74 45.61 -8.46 -15.03
N SER D 75 45.83 -9.77 -14.88
CA SER D 75 44.75 -10.78 -14.85
C SER D 75 45.06 -11.85 -13.79
N ASP D 76 45.44 -11.37 -12.59
CA ASP D 76 45.57 -12.20 -11.39
C ASP D 76 44.17 -12.54 -10.87
N GLY D 77 44.10 -13.17 -9.70
CA GLY D 77 42.87 -13.25 -8.94
C GLY D 77 42.81 -12.11 -7.94
N VAL D 78 41.60 -11.87 -7.43
CA VAL D 78 41.36 -10.81 -6.45
C VAL D 78 40.93 -11.44 -5.11
N LEU D 79 41.70 -11.18 -4.05
CA LEU D 79 41.38 -11.65 -2.69
C LEU D 79 40.00 -11.16 -2.21
N CYS D 80 39.47 -11.83 -1.18
CA CYS D 80 38.21 -11.45 -0.53
C CYS D 80 38.12 -11.99 0.88
N LYS D 81 37.90 -11.12 1.86
CA LYS D 81 37.73 -11.57 3.23
C LYS D 81 36.28 -11.98 3.49
N ILE D 82 36.11 -13.18 4.02
CA ILE D 82 34.85 -13.61 4.60
C ILE D 82 35.05 -13.52 6.10
N PHE D 83 34.27 -12.67 6.76
CA PHE D 83 34.38 -12.45 8.21
C PHE D 83 33.57 -13.51 8.92
N ASP D 84 34.00 -13.87 10.13
CA ASP D 84 33.30 -14.87 10.95
C ASP D 84 31.88 -14.37 11.24
N LYS D 85 31.79 -13.15 11.76
CA LYS D 85 30.51 -12.61 12.20
C LYS D 85 30.35 -11.12 11.86
N TYR D 86 29.10 -10.74 11.58
CA TYR D 86 28.68 -9.34 11.38
C TYR D 86 29.45 -8.32 12.24
N GLU D 87 29.60 -8.63 13.53
CA GLU D 87 30.32 -7.77 14.48
C GLU D 87 31.76 -7.42 14.08
N ASP D 88 32.48 -8.38 13.50
CA ASP D 88 33.90 -8.18 13.14
C ASP D 88 34.07 -7.12 12.04
N THR D 89 33.16 -7.16 11.07
CA THR D 89 33.04 -6.17 9.99
C THR D 89 33.12 -4.73 10.50
N MET D 90 32.44 -4.46 11.61
CA MET D 90 32.18 -3.11 12.15
C MET D 90 33.38 -2.17 12.27
N LYS D 91 34.57 -2.72 12.49
CA LYS D 91 35.76 -1.89 12.73
C LYS D 91 36.41 -1.35 11.46
N GLU D 92 36.34 -2.12 10.37
CA GLU D 92 36.87 -1.69 9.06
C GLU D 92 35.75 -1.29 8.06
N CYS D 93 34.55 -1.02 8.59
CA CYS D 93 33.35 -0.72 7.78
C CYS D 93 32.36 0.22 8.46
N ASN D 94 32.49 1.52 8.16
CA ASN D 94 31.54 2.54 8.62
C ASN D 94 30.97 3.28 7.42
N THR D 95 30.72 2.53 6.35
CA THR D 95 30.29 3.05 5.06
C THR D 95 29.14 2.18 4.56
N VAL D 96 28.10 2.82 4.01
CA VAL D 96 26.96 2.12 3.41
C VAL D 96 26.82 2.57 1.94
N TYR D 97 26.54 1.60 1.07
CA TYR D 97 26.27 1.84 -0.33
C TYR D 97 24.86 1.41 -0.61
N ILE D 98 24.09 2.27 -1.27
CA ILE D 98 22.78 1.87 -1.80
C ILE D 98 23.00 1.41 -3.25
N CYS D 99 22.48 0.23 -3.57
CA CYS D 99 22.76 -0.47 -4.83
C CYS D 99 21.97 -1.75 -4.88
N SER D 100 21.86 -2.34 -6.07
CA SER D 100 21.18 -3.61 -6.24
C SER D 100 21.98 -4.71 -5.55
N GLU D 101 21.27 -5.72 -5.06
CA GLU D 101 21.88 -6.89 -4.41
C GLU D 101 22.87 -7.57 -5.37
N ARG D 102 22.43 -7.77 -6.62
CA ARG D 102 23.33 -8.26 -7.68
C ARG D 102 24.68 -7.54 -7.68
N SER D 103 24.65 -6.21 -7.79
CA SER D 103 25.88 -5.42 -7.88
C SER D 103 26.71 -5.52 -6.60
N ALA D 104 26.05 -5.67 -5.45
CA ALA D 104 26.76 -5.76 -4.17
C ALA D 104 27.58 -7.06 -4.06
N TYR D 105 27.06 -8.16 -4.60
CA TYR D 105 27.79 -9.43 -4.69
C TYR D 105 29.01 -9.31 -5.60
N ASN D 106 28.82 -8.72 -6.80
CA ASN D 106 29.96 -8.35 -7.66
C ASN D 106 30.99 -7.55 -6.90
N MET D 107 30.52 -6.57 -6.12
CA MET D 107 31.41 -5.73 -5.31
C MET D 107 32.15 -6.54 -4.26
N ALA D 108 31.42 -7.46 -3.63
CA ALA D 108 31.99 -8.32 -2.60
C ALA D 108 33.12 -9.16 -3.18
N TYR D 109 32.90 -9.71 -4.37
CA TYR D 109 33.85 -10.60 -5.03
C TYR D 109 35.05 -9.90 -5.68
N GLN D 110 35.15 -8.57 -5.55
CA GLN D 110 36.37 -7.86 -5.90
C GLN D 110 36.88 -6.98 -4.76
N GLY D 111 36.41 -7.26 -3.54
CA GLY D 111 36.99 -6.65 -2.34
C GLY D 111 36.52 -5.25 -2.01
N ILE D 112 35.31 -4.90 -2.45
CA ILE D 112 34.73 -3.57 -2.23
C ILE D 112 33.83 -3.53 -0.98
N VAL D 113 33.02 -4.58 -0.81
CA VAL D 113 32.19 -4.76 0.39
C VAL D 113 32.54 -6.08 1.10
N PRO D 114 32.40 -6.11 2.44
CA PRO D 114 32.67 -7.35 3.17
C PRO D 114 31.71 -8.46 2.85
N LEU D 115 32.22 -9.69 2.92
CA LEU D 115 31.39 -10.89 3.00
C LEU D 115 31.38 -11.37 4.45
N ILE D 116 30.29 -12.03 4.83
CA ILE D 116 30.24 -12.66 6.15
C ILE D 116 29.92 -14.14 6.01
N HIS D 117 30.60 -14.94 6.85
CA HIS D 117 30.34 -16.35 7.02
C HIS D 117 28.83 -16.53 7.13
N GLY D 118 28.30 -17.42 6.31
CA GLY D 118 26.88 -17.73 6.31
C GLY D 118 26.76 -19.18 5.95
N ARG D 119 25.52 -19.67 5.84
CA ARG D 119 25.25 -21.03 5.36
C ARG D 119 24.02 -21.06 4.46
N GLU D 120 23.97 -22.04 3.54
CA GLU D 120 22.75 -22.36 2.80
C GLU D 120 21.69 -22.78 3.82
N GLN D 121 20.45 -22.32 3.63
CA GLN D 121 19.43 -22.43 4.67
C GLN D 121 18.49 -23.62 4.47
N GLY D 122 17.94 -24.13 5.57
CA GLY D 122 16.99 -25.24 5.56
C GLY D 122 17.64 -26.62 5.55
N VAL D 123 17.80 -27.18 4.34
CA VAL D 123 18.32 -28.55 4.15
C VAL D 123 19.83 -28.67 4.37
N SER D 124 20.60 -27.67 3.92
CA SER D 124 22.07 -27.73 3.84
C SER D 124 22.75 -26.98 4.99
N ASP D 125 23.99 -27.37 5.32
CA ASP D 125 24.86 -26.64 6.27
C ASP D 125 26.17 -26.15 5.60
N LYS D 126 26.18 -26.09 4.26
CA LYS D 126 27.39 -25.76 3.49
C LYS D 126 27.71 -24.27 3.60
N LEU D 127 29.00 -23.94 3.66
CA LEU D 127 29.46 -22.55 3.74
C LEU D 127 29.00 -21.79 2.49
N LEU D 128 28.18 -20.76 2.70
CA LEU D 128 27.73 -19.84 1.64
C LEU D 128 27.81 -18.40 2.15
N PRO D 129 28.84 -17.65 1.72
CA PRO D 129 28.95 -16.26 2.17
C PRO D 129 27.81 -15.34 1.70
N ARG D 130 27.59 -14.31 2.52
CA ARG D 130 26.51 -13.36 2.38
C ARG D 130 27.15 -11.98 2.39
N ILE D 131 26.56 -11.05 1.63
CA ILE D 131 26.85 -9.61 1.83
C ILE D 131 26.17 -9.16 3.11
N VAL D 132 26.69 -8.12 3.73
CA VAL D 132 26.05 -7.51 4.89
C VAL D 132 25.02 -6.49 4.41
N SER D 133 23.77 -6.93 4.24
CA SER D 133 22.66 -6.03 3.95
C SER D 133 22.04 -5.52 5.24
N LEU D 134 21.87 -4.19 5.35
CA LEU D 134 21.20 -3.55 6.48
C LEU D 134 19.71 -3.31 6.24
N GLY D 135 19.19 -3.66 5.06
CA GLY D 135 17.83 -3.32 4.68
C GLY D 135 17.58 -3.27 3.17
N LYS D 136 16.34 -3.49 2.76
CA LYS D 136 15.93 -3.42 1.37
C LYS D 136 14.97 -2.25 1.22
N VAL D 137 15.12 -1.49 0.14
CA VAL D 137 14.29 -0.32 -0.12
C VAL D 137 13.91 -0.29 -1.59
N TYR D 138 12.71 0.21 -1.89
CA TYR D 138 12.30 0.48 -3.26
C TYR D 138 12.85 1.82 -3.71
N GLY D 139 13.16 1.93 -5.00
CA GLY D 139 13.63 3.20 -5.57
C GLY D 139 12.66 4.36 -5.36
N GLU D 140 11.37 4.10 -5.44
CA GLU D 140 10.35 5.13 -5.21
C GLU D 140 10.54 5.88 -3.88
N GLN D 141 10.98 5.16 -2.86
CA GLN D 141 11.12 5.73 -1.54
C GLN D 141 12.36 6.62 -1.40
N LEU D 142 13.27 6.60 -2.37
CA LEU D 142 14.45 7.47 -2.36
C LEU D 142 14.30 8.67 -3.29
N ILE D 143 13.24 8.73 -4.07
CA ILE D 143 13.00 9.88 -4.95
C ILE D 143 13.03 11.15 -4.12
N GLY D 144 13.78 12.16 -4.56
CA GLY D 144 13.90 13.40 -3.83
C GLY D 144 14.99 13.44 -2.80
N THR D 145 15.70 12.33 -2.57
CA THR D 145 16.85 12.36 -1.68
C THR D 145 17.91 13.32 -2.22
N PRO D 146 18.40 14.26 -1.38
CA PRO D 146 19.44 15.20 -1.82
C PRO D 146 20.83 14.59 -1.73
N LEU D 147 21.67 14.88 -2.72
CA LEU D 147 22.96 14.23 -2.85
C LEU D 147 24.05 15.24 -3.09
N SER D 148 25.23 14.95 -2.55
CA SER D 148 26.41 15.74 -2.77
C SER D 148 27.28 14.91 -3.68
N ALA D 149 27.33 15.29 -4.95
CA ALA D 149 27.96 14.50 -6.00
C ALA D 149 29.27 15.13 -6.40
N PRO D 150 30.31 14.32 -6.69
CA PRO D 150 31.60 14.90 -7.05
C PRO D 150 31.60 15.65 -8.37
N MET D 151 32.50 16.63 -8.47
CA MET D 151 32.78 17.36 -9.71
C MET D 151 31.71 18.35 -10.23
N THR D 152 30.42 18.03 -10.08
CA THR D 152 29.37 18.94 -10.57
C THR D 152 29.32 20.20 -9.69
N PRO D 153 29.12 21.38 -10.28
CA PRO D 153 29.02 22.59 -9.46
C PRO D 153 27.75 22.68 -8.61
N TYR D 154 26.73 21.89 -8.94
CA TYR D 154 25.51 21.86 -8.13
C TYR D 154 25.84 21.30 -6.75
N SER D 155 25.48 22.08 -5.75
CA SER D 155 25.75 21.75 -4.36
C SER D 155 24.95 20.52 -3.96
N LEU D 156 23.69 20.48 -4.40
CA LEU D 156 22.86 19.31 -4.21
C LEU D 156 22.20 18.91 -5.51
N ILE D 157 22.16 17.61 -5.76
CA ILE D 157 21.32 17.05 -6.82
C ILE D 157 20.44 15.99 -6.20
N PHE D 158 19.37 15.64 -6.90
CA PHE D 158 18.33 14.79 -6.35
C PHE D 158 18.09 13.52 -7.15
N ILE D 159 17.59 12.49 -6.46
CA ILE D 159 17.23 11.25 -7.09
C ILE D 159 15.88 11.42 -7.76
N LEU D 160 15.83 11.09 -9.05
CA LEU D 160 14.63 11.21 -9.87
C LEU D 160 14.33 9.84 -10.51
N PRO D 161 13.07 9.60 -10.87
CA PRO D 161 12.72 8.34 -11.51
C PRO D 161 13.10 8.29 -13.00
N MET D 162 13.70 7.18 -13.42
CA MET D 162 13.91 6.86 -14.83
C MET D 162 13.35 5.46 -15.06
N PHE D 163 12.64 5.26 -16.18
CA PHE D 163 11.90 4.00 -16.42
C PHE D 163 12.60 3.00 -17.32
N SER D 164 13.67 3.43 -17.98
CA SER D 164 14.43 2.61 -18.90
C SER D 164 15.64 1.90 -18.24
N ILE D 165 15.79 2.02 -16.93
CA ILE D 165 16.91 1.39 -16.22
C ILE D 165 16.70 -0.11 -16.21
N SER D 166 17.80 -0.83 -16.42
CA SER D 166 17.84 -2.28 -16.29
C SER D 166 18.45 -2.61 -14.92
N MET D 167 17.72 -3.37 -14.10
CA MET D 167 18.23 -3.81 -12.79
C MET D 167 19.40 -4.79 -12.84
N GLU D 168 19.61 -5.48 -13.96
CA GLU D 168 20.79 -6.37 -14.11
C GLU D 168 22.10 -5.64 -14.37
N LYS D 169 22.03 -4.38 -14.79
CA LYS D 169 23.21 -3.65 -15.20
C LYS D 169 23.66 -2.74 -14.07
N GLY D 170 24.97 -2.60 -13.92
CA GLY D 170 25.57 -1.75 -12.91
C GLY D 170 24.91 -1.94 -11.56
N THR D 171 24.51 -0.83 -10.93
CA THR D 171 23.92 -0.87 -9.60
C THR D 171 22.42 -0.73 -9.63
N GLY D 172 21.84 -0.55 -10.81
CA GLY D 172 20.43 -0.13 -10.92
C GLY D 172 20.22 1.36 -10.61
N ILE D 173 21.30 2.09 -10.33
CA ILE D 173 21.23 3.53 -10.07
C ILE D 173 22.27 4.19 -10.96
N VAL D 174 21.85 5.22 -11.70
CA VAL D 174 22.73 5.86 -12.69
C VAL D 174 22.80 7.37 -12.56
N THR D 175 23.97 7.88 -12.93
CA THR D 175 24.21 9.31 -13.02
C THR D 175 23.37 9.92 -14.13
N SER D 176 23.13 11.23 -14.07
CA SER D 176 22.44 11.99 -15.12
C SER D 176 23.31 13.17 -15.60
N VAL D 177 23.74 13.09 -16.85
CA VAL D 177 24.49 14.14 -17.50
C VAL D 177 23.77 14.45 -18.82
N PRO D 178 22.63 15.14 -18.74
CA PRO D 178 21.78 15.32 -19.89
C PRO D 178 22.33 16.23 -21.00
N SER D 179 23.44 16.93 -20.78
CA SER D 179 24.12 17.64 -21.85
C SER D 179 24.83 16.69 -22.82
N ASP D 180 25.24 15.52 -22.35
CA ASP D 180 26.01 14.58 -23.16
C ASP D 180 25.59 13.11 -23.11
N SER D 181 24.44 12.79 -22.51
CA SER D 181 23.85 11.46 -22.63
C SER D 181 22.46 11.65 -23.22
N PRO D 182 22.22 11.06 -24.39
CA PRO D 182 20.88 11.16 -24.95
C PRO D 182 19.78 10.58 -24.03
N ASP D 183 20.05 9.46 -23.37
CA ASP D 183 19.11 8.83 -22.41
C ASP D 183 18.75 9.82 -21.31
N ASP D 184 19.77 10.44 -20.73
CA ASP D 184 19.58 11.39 -19.64
C ASP D 184 18.80 12.58 -20.12
N TYR D 185 19.15 13.09 -21.31
CA TYR D 185 18.40 14.20 -21.87
C TYR D 185 16.93 13.83 -22.04
N ALA D 186 16.67 12.66 -22.61
CA ALA D 186 15.31 12.22 -22.93
C ALA D 186 14.48 12.00 -21.68
N ALA D 187 15.10 11.40 -20.65
CA ALA D 187 14.40 11.16 -19.38
C ALA D 187 14.09 12.44 -18.63
N LEU D 188 15.06 13.35 -18.63
CA LEU D 188 14.84 14.64 -17.97
C LEU D 188 13.76 15.43 -18.68
N ARG D 189 13.81 15.43 -20.02
CA ARG D 189 12.77 16.11 -20.79
C ARG D 189 11.39 15.52 -20.46
N ASP D 190 11.28 14.20 -20.39
CA ASP D 190 10.01 13.59 -20.04
C ASP D 190 9.44 14.16 -18.73
N ILE D 191 10.29 14.28 -17.70
CA ILE D 191 9.90 14.89 -16.43
C ILE D 191 9.52 16.36 -16.61
N LYS D 192 10.32 17.11 -17.36
CA LYS D 192 10.05 18.53 -17.55
C LYS D 192 8.81 18.83 -18.34
N THR D 193 8.32 17.89 -19.15
CA THR D 193 7.17 18.17 -20.02
C THR D 193 5.91 17.42 -19.64
N LYS D 194 5.94 16.58 -18.60
CA LYS D 194 4.76 15.80 -18.18
C LYS D 194 4.29 16.09 -16.74
N PRO D 195 3.39 17.09 -16.54
CA PRO D 195 2.91 17.43 -15.21
C PRO D 195 2.37 16.24 -14.44
N LEU D 196 1.64 15.36 -15.13
CA LEU D 196 1.04 14.18 -14.47
C LEU D 196 2.08 13.20 -13.94
N LEU D 197 3.21 13.09 -14.64
CA LEU D 197 4.35 12.30 -14.16
C LEU D 197 4.99 12.93 -12.92
N ARG D 198 5.14 14.25 -12.91
CA ARG D 198 5.64 14.95 -11.72
C ARG D 198 4.69 14.77 -10.52
N GLU D 199 3.39 14.94 -10.75
CA GLU D 199 2.40 14.73 -9.70
C GLU D 199 2.48 13.30 -9.16
N LYS D 200 2.52 12.34 -10.07
CA LYS D 200 2.58 10.94 -9.68
C LYS D 200 3.69 10.61 -8.71
N TYR D 201 4.88 11.18 -8.91
CA TYR D 201 6.01 10.92 -7.97
C TYR D 201 6.35 12.08 -7.05
N SER D 202 5.43 13.04 -6.94
CA SER D 202 5.60 14.23 -6.07
C SER D 202 6.94 14.93 -6.27
N ILE D 203 7.29 15.12 -7.55
CA ILE D 203 8.57 15.71 -7.92
C ILE D 203 8.46 17.21 -7.78
N LYS D 204 9.34 17.80 -6.98
CA LYS D 204 9.37 19.25 -6.78
C LYS D 204 10.17 19.91 -7.90
N ASP D 205 9.74 21.09 -8.32
CA ASP D 205 10.46 21.85 -9.34
C ASP D 205 11.93 22.06 -8.99
N GLU D 206 12.24 22.25 -7.71
CA GLU D 206 13.62 22.47 -7.30
C GLU D 206 14.55 21.22 -7.37
N TRP D 207 13.98 20.04 -7.60
CA TRP D 207 14.78 18.82 -7.88
C TRP D 207 15.18 18.70 -9.35
N ILE D 208 14.56 19.50 -10.21
CA ILE D 208 14.75 19.42 -11.65
C ILE D 208 15.76 20.49 -12.06
N LEU D 209 16.99 20.08 -12.26
CA LEU D 209 18.10 21.01 -12.58
C LEU D 209 18.49 20.93 -14.05
N ASP D 210 18.95 22.04 -14.60
CA ASP D 210 19.22 22.14 -16.04
C ASP D 210 20.55 21.52 -16.45
N PRO D 211 20.65 21.04 -17.70
CA PRO D 211 21.91 20.54 -18.24
C PRO D 211 23.03 21.56 -18.11
N LEU D 212 24.25 21.08 -17.87
CA LEU D 212 25.43 21.92 -17.73
C LEU D 212 26.35 21.72 -18.93
N GLU D 213 26.85 22.82 -19.49
CA GLU D 213 27.79 22.79 -20.60
C GLU D 213 29.14 22.36 -20.06
N ILE D 214 29.62 21.21 -20.50
CA ILE D 214 30.90 20.67 -20.02
C ILE D 214 31.87 20.21 -21.09
N ILE D 215 31.36 19.89 -22.29
CA ILE D 215 32.18 19.34 -23.36
C ILE D 215 31.80 20.03 -24.65
N GLU D 216 32.81 20.52 -25.37
CA GLU D 216 32.62 21.13 -26.70
C GLU D 216 33.01 20.15 -27.79
N VAL D 217 32.05 19.83 -28.64
CA VAL D 217 32.21 18.80 -29.66
C VAL D 217 32.17 19.50 -31.03
N PRO D 218 33.24 19.36 -31.85
CA PRO D 218 33.25 19.96 -33.19
C PRO D 218 32.03 19.58 -33.99
N GLY D 219 31.32 20.61 -34.50
CA GLY D 219 30.08 20.43 -35.27
C GLY D 219 28.80 20.32 -34.48
N PHE D 220 28.88 20.27 -33.15
CA PHE D 220 27.72 20.11 -32.26
C PHE D 220 27.61 21.21 -31.18
N GLY D 221 28.74 21.66 -30.64
CA GLY D 221 28.74 22.61 -29.53
C GLY D 221 28.69 21.94 -28.15
N PHE D 222 27.89 22.54 -27.26
CA PHE D 222 27.90 22.18 -25.82
C PHE D 222 26.74 21.29 -25.37
N MET D 223 25.74 21.11 -26.24
CA MET D 223 24.54 20.31 -25.92
C MET D 223 24.35 19.20 -26.96
N THR D 224 25.40 18.40 -27.15
CA THR D 224 25.44 17.35 -28.15
C THR D 224 24.30 16.35 -27.98
N ALA D 225 23.94 16.04 -26.73
CA ALA D 225 22.87 15.11 -26.47
C ALA D 225 21.51 15.57 -27.01
N GLU D 226 21.19 16.86 -26.82
CA GLU D 226 19.96 17.42 -27.35
C GLU D 226 19.96 17.34 -28.89
N LEU D 227 21.08 17.70 -29.51
CA LEU D 227 21.15 17.69 -30.98
C LEU D 227 21.03 16.28 -31.54
N LEU D 228 21.65 15.30 -30.88
CA LEU D 228 21.45 13.89 -31.27
C LEU D 228 20.00 13.41 -31.09
N CYS D 229 19.36 13.80 -29.99
CA CYS D 229 17.95 13.44 -29.82
C CYS D 229 17.08 14.01 -30.96
N ASN D 230 17.35 15.25 -31.38
CA ASN D 230 16.67 15.85 -32.54
C ASN D 230 16.98 15.10 -33.84
N GLN D 231 18.23 14.73 -34.02
CA GLN D 231 18.71 14.09 -35.23
C GLN D 231 18.13 12.68 -35.40
N TYR D 232 18.10 11.91 -34.30
CA TYR D 232 17.55 10.55 -34.31
C TYR D 232 16.04 10.49 -34.02
N LYS D 233 15.41 11.65 -33.89
CA LYS D 233 13.96 11.73 -33.64
C LYS D 233 13.51 11.00 -32.37
N ILE D 234 14.32 11.16 -31.32
CA ILE D 234 14.03 10.66 -29.99
C ILE D 234 13.02 11.60 -29.31
N GLN D 235 11.86 11.08 -28.95
CA GLN D 235 10.81 11.84 -28.26
C GLN D 235 10.56 11.38 -26.83
N SER D 236 11.06 10.20 -26.48
CA SER D 236 10.79 9.58 -25.20
C SER D 236 12.02 8.80 -24.78
N GLN D 237 12.24 8.71 -23.47
CA GLN D 237 13.26 7.82 -22.91
C GLN D 237 13.09 6.34 -23.27
N ASN D 238 11.89 5.97 -23.73
CA ASN D 238 11.61 4.59 -24.15
C ASN D 238 11.99 4.30 -25.61
N ASP D 239 12.50 5.29 -26.36
CA ASP D 239 12.92 5.08 -27.75
C ASP D 239 14.22 4.32 -27.85
N SER D 240 14.20 3.04 -27.47
CA SER D 240 15.44 2.34 -27.16
C SER D 240 16.34 2.09 -28.37
N ALA D 241 15.77 1.82 -29.54
CA ALA D 241 16.57 1.61 -30.75
C ALA D 241 17.24 2.91 -31.19
N LYS D 242 16.49 4.00 -31.17
CA LYS D 242 17.06 5.29 -31.54
C LYS D 242 18.13 5.71 -30.53
N LEU D 243 17.82 5.60 -29.24
CA LEU D 243 18.77 5.95 -28.18
C LEU D 243 20.08 5.18 -28.26
N LYS D 244 20.00 3.89 -28.55
CA LYS D 244 21.19 3.05 -28.63
C LYS D 244 22.12 3.48 -29.76
N GLN D 245 21.55 3.82 -30.91
CA GLN D 245 22.32 4.43 -32.01
C GLN D 245 22.97 5.76 -31.58
N ALA D 246 22.12 6.71 -31.13
CA ALA D 246 22.59 8.01 -30.67
C ALA D 246 23.74 7.87 -29.66
N LYS D 247 23.58 6.97 -28.71
CA LYS D 247 24.60 6.70 -27.70
C LYS D 247 25.89 6.15 -28.32
N GLU D 248 25.77 5.29 -29.35
CA GLU D 248 26.94 4.75 -30.04
C GLU D 248 27.68 5.80 -30.90
N GLU D 249 26.96 6.74 -31.52
CA GLU D 249 27.63 7.89 -32.18
C GLU D 249 28.31 8.84 -31.16
N ILE D 250 27.59 9.24 -30.12
CA ILE D 250 28.12 10.22 -29.15
C ILE D 250 29.34 9.72 -28.36
N TYR D 251 29.47 8.40 -28.16
CA TYR D 251 30.60 7.86 -27.36
C TYR D 251 31.94 8.04 -28.08
N LYS D 252 32.01 7.61 -29.33
CA LYS D 252 33.23 7.70 -30.12
C LYS D 252 33.59 9.13 -30.44
N LYS D 253 32.61 9.87 -30.92
CA LYS D 253 32.80 11.27 -31.33
C LYS D 253 33.37 12.11 -30.19
N GLU D 254 32.79 11.98 -28.99
CA GLU D 254 33.25 12.74 -27.84
C GLU D 254 34.61 12.28 -27.34
N PHE D 255 34.86 10.97 -27.35
CA PHE D 255 36.13 10.47 -26.84
C PHE D 255 37.31 11.05 -27.63
N TYR D 256 37.21 11.04 -28.95
CA TYR D 256 38.36 11.46 -29.77
C TYR D 256 38.39 12.93 -30.13
N GLU D 257 37.22 13.58 -30.20
CA GLU D 257 37.12 14.99 -30.60
C GLU D 257 36.56 15.96 -29.56
N GLY D 258 35.93 15.45 -28.52
CA GLY D 258 35.29 16.29 -27.49
C GLY D 258 36.33 16.97 -26.64
N ILE D 259 36.13 18.26 -26.37
CA ILE D 259 37.05 19.06 -25.56
C ILE D 259 36.37 19.47 -24.27
N LEU D 260 37.00 19.14 -23.16
CA LEU D 260 36.48 19.51 -21.84
C LEU D 260 36.60 21.02 -21.69
N ILE D 261 35.52 21.65 -21.20
CA ILE D 261 35.53 23.05 -20.89
C ILE D 261 35.26 23.30 -19.41
N ARG D 262 35.27 22.25 -18.60
CA ARG D 262 35.15 22.38 -17.15
C ARG D 262 36.15 21.47 -16.48
N GLY D 263 36.53 21.83 -15.26
CA GLY D 263 37.49 21.11 -14.45
C GLY D 263 38.93 21.49 -14.71
N LYS D 264 39.80 20.86 -13.95
CA LYS D 264 41.26 21.03 -14.05
C LYS D 264 41.84 20.73 -15.44
N TYR D 265 41.18 19.89 -16.23
CA TYR D 265 41.67 19.51 -17.57
C TYR D 265 40.93 20.22 -18.72
N SER D 266 40.27 21.34 -18.41
CA SER D 266 39.66 22.18 -19.42
C SER D 266 40.65 22.49 -20.52
N GLY D 267 40.20 22.42 -21.76
CA GLY D 267 41.05 22.61 -22.93
C GLY D 267 41.63 21.32 -23.51
N MET D 268 41.60 20.22 -22.78
CA MET D 268 42.13 18.96 -23.28
C MET D 268 41.07 18.09 -23.94
N LYS D 269 41.51 17.28 -24.90
CA LYS D 269 40.66 16.27 -25.50
C LYS D 269 40.28 15.22 -24.46
N ILE D 270 39.04 14.75 -24.52
CA ILE D 270 38.59 13.72 -23.61
C ILE D 270 39.56 12.51 -23.62
N CYS D 271 39.98 12.05 -24.80
CA CYS D 271 40.91 10.89 -24.86
C CYS D 271 42.23 11.10 -24.12
N ASP D 272 42.70 12.34 -24.04
CA ASP D 272 43.94 12.66 -23.29
C ASP D 272 43.75 12.90 -21.79
N ALA D 273 42.53 13.18 -21.36
CA ALA D 273 42.26 13.53 -19.96
C ALA D 273 41.48 12.48 -19.14
N LYS D 274 40.81 11.56 -19.81
CA LYS D 274 39.86 10.63 -19.15
C LYS D 274 40.50 9.80 -18.03
N GLU D 275 41.63 9.17 -18.30
CA GLU D 275 42.31 8.34 -17.30
C GLU D 275 42.86 9.17 -16.15
N LEU D 276 43.35 10.37 -16.44
CA LEU D 276 43.79 11.27 -15.39
C LEU D 276 42.64 11.66 -14.45
N ILE D 277 41.46 11.89 -15.03
CA ILE D 277 40.27 12.23 -14.25
C ILE D 277 39.82 11.03 -13.42
N ARG D 278 39.86 9.85 -14.03
CA ARG D 278 39.54 8.63 -13.33
C ARG D 278 40.49 8.32 -12.17
N GLU D 279 41.79 8.51 -12.38
CA GLU D 279 42.79 8.35 -11.31
C GLU D 279 42.49 9.29 -10.17
N SER D 280 42.23 10.55 -10.52
CA SER D 280 42.00 11.60 -9.53
C SER D 280 40.74 11.33 -8.70
N LEU D 281 39.64 10.97 -9.33
CA LEU D 281 38.44 10.56 -8.60
C LEU D 281 38.74 9.41 -7.62
N ILE D 282 39.52 8.41 -8.04
CA ILE D 282 39.83 7.26 -7.20
C ILE D 282 40.70 7.67 -6.00
N LYS D 283 41.85 8.33 -6.25
CA LYS D 283 42.73 8.87 -5.19
C LYS D 283 41.98 9.72 -4.16
N ASP D 284 41.07 10.56 -4.63
CA ASP D 284 40.32 11.44 -3.74
C ASP D 284 39.17 10.74 -3.04
N GLY D 285 38.93 9.44 -3.33
CA GLY D 285 37.88 8.67 -2.66
C GLY D 285 36.47 8.91 -3.18
N TYR D 286 36.34 9.61 -4.30
CA TYR D 286 35.03 9.84 -4.92
C TYR D 286 34.54 8.71 -5.81
N ALA D 287 35.40 7.73 -6.08
CA ALA D 287 35.06 6.63 -6.98
C ALA D 287 35.96 5.41 -6.79
N LEU D 288 35.51 4.27 -7.33
CA LEU D 288 36.26 3.01 -7.29
C LEU D 288 36.26 2.36 -8.66
N ILE D 289 37.24 1.49 -8.87
CA ILE D 289 37.27 0.64 -10.04
C ILE D 289 36.28 -0.49 -9.75
N TYR D 290 35.38 -0.73 -10.70
CA TYR D 290 34.36 -1.75 -10.55
C TYR D 290 34.25 -2.52 -11.87
N LEU D 291 34.53 -3.82 -11.82
CA LEU D 291 34.40 -4.72 -12.98
C LEU D 291 33.07 -5.45 -12.95
N GLU D 292 32.41 -5.50 -14.11
CA GLU D 292 31.35 -6.51 -14.34
C GLU D 292 31.28 -6.86 -15.83
#